data_4M3Y
#
_entry.id   4M3Y
#
_cell.length_a   75.004
_cell.length_b   120.181
_cell.length_c   130.624
_cell.angle_alpha   90.00
_cell.angle_beta   90.00
_cell.angle_gamma   90.00
#
_symmetry.space_group_name_H-M   'P 21 21 21'
#
loop_
_entity.id
_entity.type
_entity.pdbx_description
1 polymer 'DNA polymerase'
2 polymer 'DNA template'
3 polymer 'DNA primer'
4 non-polymer "ADENOSINE-5'-TRIPHOSPHATE"
5 non-polymer 'CALCIUM ION'
6 water water
#
loop_
_entity_poly.entity_id
_entity_poly.type
_entity_poly.pdbx_seq_one_letter_code
_entity_poly.pdbx_strand_id
1 'polypeptide(L)'
;MKEFYLTVEQIGDSIFERYIDSNGRERTREVEYKPSLFAHCPESQATKYFDIYGKPCTRKLFANMRDASQWIKRMEDIGL
EALGMDDFKLAYLSDTYNYEIKYDHTKIRVANFDIEVTSPDGFPEPSQAKHPIDAITHYDSIDDRFYVFDLLNSPYGNVE
EWSIEIAAKLQEQGGDEVPSEIIDKIIYMPFDNEKELLMEYLNFWQQKTPVILTGWNVESFAIPYVYNRIKNIFGESTAK
RLSPHRKTRVKVIENMYGSREIITLFGISVLDYIDLYKKFSFTNQPSYSLDYISEFELNVGKLKYDGPISKLRESNHQRY
ISYNIIAVYRVLQIDAKRQFINLSLDMGYYAKIQIQSVFSPIKTWDAIIFNSLKEQNKVIPQGRSHPVQPYPGAFVKEPI
PNRYKYVMSFDLTSAYPSIIRQVNISPETIAGTFKVAPLHDYINAVAERPSDVYSCSPNGMMYYKDRDGVVPTEITKVFN
QRKEHKGYMLAAQRNGEIIKEALHNPNLSVDEPLDVDYRFDFSDEIKEKIKKLSAKSLNEMLFRAQRTEVAGMTAQINRK
ALINGLAGALGNVWFRYYDLRNATAITTFGQMALQWIERKVNEYLNEVCGTEGEAFVLYGDTDSIYVSADKIIDKVGESK
FRDTNHWVDFLDKFARERMEPAIDRGFREMCEYMNNKQHLMFMDREAIAGPPLGSKGIGGFWTGKKRYALNVWDMEGTRY
AEPKLKIMGLETQKSSTPKAVQKALKECIRRMLQEGEESLQEYFKEFEKEFRQLNYISIASVSSANNIAKYDVGGFPGPK
CPFHIRGILTYNRAIKGNIDAPQVVEGEKVYVLPLREGNPFGDKCIAWPSGTEITDLIKDDVLHWMDYTVLLEKTFIKPL
EGFTSAAKLDYEKKASLFDMFDF
;
A
2 'polydeoxyribonucleotide' (DA)(DT)(DT)(DT)(DA)(DA)(DG)(DC)(DA)(DG)(DT)(DC)(DC)(DG)(DC)(DG) T
3 'polydeoxyribonucleotide' (DG)(DC)(DG)(DG)(DA)(DC)(DT)(DG)(DC)(DT)(DT)(DA)(DG) P
#
loop_
_chem_comp.id
_chem_comp.type
_chem_comp.name
_chem_comp.formula
ATP non-polymer ADENOSINE-5'-TRIPHOSPHATE 'C10 H16 N5 O13 P3'
CA non-polymer 'CALCIUM ION' 'Ca 2'
DA DNA linking 2'-DEOXYADENOSINE-5'-MONOPHOSPHATE 'C10 H14 N5 O6 P'
DC DNA linking 2'-DEOXYCYTIDINE-5'-MONOPHOSPHATE 'C9 H14 N3 O7 P'
DG DNA linking 2'-DEOXYGUANOSINE-5'-MONOPHOSPHATE 'C10 H14 N5 O7 P'
DT DNA linking THYMIDINE-5'-MONOPHOSPHATE 'C10 H15 N2 O8 P'
#
# COMPACT_ATOMS: atom_id res chain seq x y z
N MET A 1 -20.12 10.76 26.86
CA MET A 1 -19.52 9.80 25.89
C MET A 1 -18.66 8.78 26.62
N LYS A 2 -18.45 7.62 25.99
CA LYS A 2 -17.51 6.63 26.50
C LYS A 2 -16.10 7.18 26.36
N GLU A 3 -15.25 6.89 27.32
CA GLU A 3 -13.88 7.39 27.27
C GLU A 3 -13.05 6.60 26.25
N PHE A 4 -12.03 7.24 25.69
CA PHE A 4 -11.05 6.53 24.86
C PHE A 4 -9.63 7.07 25.00
N TYR A 5 -8.63 6.18 24.95
CA TYR A 5 -7.23 6.59 25.01
C TYR A 5 -6.80 7.36 23.78
N LEU A 6 -5.77 8.17 23.94
CA LEU A 6 -5.13 8.86 22.82
C LEU A 6 -3.76 8.22 22.61
N THR A 7 -2.95 8.22 23.67
CA THR A 7 -1.64 7.60 23.66
C THR A 7 -1.43 6.87 24.98
N VAL A 8 -0.55 5.87 24.96
CA VAL A 8 -0.17 5.13 26.17
C VAL A 8 1.33 4.85 26.11
N GLU A 9 2.01 4.97 27.25
CA GLU A 9 3.43 4.67 27.34
C GLU A 9 3.74 3.95 28.65
N GLN A 10 4.76 3.09 28.65
CA GLN A 10 5.34 2.62 29.92
C GLN A 10 6.63 3.38 30.19
N ILE A 11 6.71 4.01 31.35
CA ILE A 11 7.95 4.67 31.78
C ILE A 11 8.29 4.17 33.18
N GLY A 12 9.25 3.25 33.24
CA GLY A 12 9.57 2.58 34.50
C GLY A 12 8.36 1.84 35.02
N ASP A 13 7.95 2.14 36.24
CA ASP A 13 6.83 1.43 36.87
C ASP A 13 5.51 2.18 36.73
N SER A 14 5.48 3.13 35.80
CA SER A 14 4.29 3.92 35.55
C SER A 14 3.79 3.78 34.12
N ILE A 15 2.47 3.76 33.99
CA ILE A 15 1.83 3.96 32.70
C ILE A 15 1.47 5.43 32.63
N PHE A 16 1.88 6.07 31.53
CA PHE A 16 1.46 7.42 31.21
C PHE A 16 0.45 7.33 30.08
N GLU A 17 -0.75 7.86 30.33
CA GLU A 17 -1.83 7.80 29.37
C GLU A 17 -2.44 9.17 29.15
N ARG A 18 -2.51 9.56 27.89
CA ARG A 18 -3.33 10.69 27.48
C ARG A 18 -4.64 10.09 26.98
N TYR A 19 -5.77 10.70 27.38
CA TYR A 19 -7.10 10.17 27.00
C TYR A 19 -8.16 11.27 26.91
N ILE A 20 -9.29 10.92 26.30
CA ILE A 20 -10.46 11.78 26.29
C ILE A 20 -11.43 11.23 27.34
N ASP A 21 -11.79 12.07 28.31
CA ASP A 21 -12.69 11.65 29.39
C ASP A 21 -14.15 11.63 28.95
N SER A 22 -15.06 11.36 29.88
CA SER A 22 -16.47 11.13 29.56
C SER A 22 -17.17 12.41 29.09
N ASN A 23 -16.54 13.56 29.36
CA ASN A 23 -17.07 14.86 28.96
C ASN A 23 -16.40 15.42 27.72
N GLY A 24 -15.53 14.62 27.11
CA GLY A 24 -14.90 15.01 25.85
C GLY A 24 -13.62 15.80 26.01
N ARG A 25 -13.14 15.95 27.23
CA ARG A 25 -11.91 16.71 27.49
C ARG A 25 -10.65 15.84 27.41
N GLU A 26 -9.55 16.41 26.93
CA GLU A 26 -8.26 15.72 26.99
C GLU A 26 -7.64 15.79 28.39
N ARG A 27 -7.21 14.63 28.87
CA ARG A 27 -6.58 14.51 30.17
C ARG A 27 -5.31 13.68 30.08
N THR A 28 -4.46 13.76 31.10
CA THR A 28 -3.28 12.93 31.17
C THR A 28 -3.21 12.36 32.57
N ARG A 29 -2.81 11.10 32.68
CA ARG A 29 -2.64 10.49 33.99
C ARG A 29 -1.46 9.55 34.05
N GLU A 30 -0.91 9.45 35.26
CA GLU A 30 0.14 8.49 35.56
C GLU A 30 -0.46 7.44 36.48
N VAL A 31 -0.32 6.17 36.11
CA VAL A 31 -0.96 5.09 36.83
C VAL A 31 0.10 4.05 37.17
N GLU A 32 0.18 3.70 38.46
CA GLU A 32 1.13 2.69 38.93
C GLU A 32 0.52 1.31 38.71
N TYR A 33 0.48 0.93 37.44
CA TYR A 33 -0.20 -0.28 36.98
C TYR A 33 0.48 -1.56 37.49
N LYS A 34 -0.30 -2.40 38.16
CA LYS A 34 0.21 -3.69 38.62
C LYS A 34 -0.19 -4.77 37.62
N PRO A 35 0.77 -5.25 36.81
CA PRO A 35 0.42 -6.22 35.79
C PRO A 35 0.30 -7.62 36.36
N SER A 36 -0.44 -8.48 35.66
CA SER A 36 -0.50 -9.90 36.00
C SER A 36 0.15 -10.71 34.90
N LEU A 37 0.87 -11.74 35.29
CA LEU A 37 1.30 -12.78 34.35
C LEU A 37 0.85 -14.13 34.91
N PHE A 38 1.19 -15.23 34.24
CA PHE A 38 0.60 -16.53 34.58
C PHE A 38 1.62 -17.67 34.54
N ALA A 39 1.47 -18.62 35.45
CA ALA A 39 2.22 -19.86 35.40
C ALA A 39 1.25 -21.03 35.37
N HIS A 40 1.61 -22.12 34.69
CA HIS A 40 0.83 -23.34 34.76
C HIS A 40 0.80 -23.81 36.21
N CYS A 41 -0.30 -24.44 36.61
CA CYS A 41 -0.45 -24.92 37.99
C CYS A 41 -1.04 -26.34 38.03
N PRO A 42 -1.03 -26.99 39.22
CA PRO A 42 -1.59 -28.35 39.30
C PRO A 42 -3.09 -28.41 38.99
N GLU A 43 -3.54 -29.56 38.50
CA GLU A 43 -4.93 -29.78 38.11
C GLU A 43 -5.88 -29.65 39.30
N SER A 44 -5.38 -29.97 40.49
CA SER A 44 -6.17 -29.94 41.73
C SER A 44 -6.39 -28.53 42.28
N GLN A 45 -5.73 -27.55 41.67
CA GLN A 45 -5.79 -26.16 42.12
C GLN A 45 -6.88 -25.39 41.38
N ALA A 46 -7.93 -25.00 42.11
CA ALA A 46 -9.08 -24.29 41.55
C ALA A 46 -8.69 -22.94 40.96
N THR A 47 -9.04 -22.74 39.69
CA THR A 47 -8.75 -21.49 39.02
C THR A 47 -9.79 -21.20 37.93
N LYS A 48 -9.89 -19.94 37.55
CA LYS A 48 -10.72 -19.57 36.43
C LYS A 48 -9.89 -19.27 35.17
N TYR A 49 -8.56 -19.37 35.28
CA TYR A 49 -7.70 -19.05 34.13
C TYR A 49 -7.11 -20.30 33.49
N PHE A 50 -7.27 -20.40 32.16
CA PHE A 50 -6.72 -21.54 31.41
C PHE A 50 -5.95 -21.09 30.19
N ASP A 51 -4.87 -21.80 29.87
CA ASP A 51 -4.14 -21.50 28.63
C ASP A 51 -4.98 -21.91 27.39
N ILE A 52 -4.50 -21.63 26.19
CA ILE A 52 -5.34 -21.85 24.99
C ILE A 52 -5.61 -23.33 24.71
N TYR A 53 -4.80 -24.20 25.33
CA TYR A 53 -4.96 -25.65 25.23
C TYR A 53 -5.77 -26.27 26.37
N GLY A 54 -6.34 -25.43 27.23
CA GLY A 54 -7.18 -25.91 28.33
C GLY A 54 -6.44 -26.32 29.60
N LYS A 55 -5.13 -26.08 29.66
CA LYS A 55 -4.36 -26.35 30.88
C LYS A 55 -4.48 -25.19 31.89
N PRO A 56 -4.68 -25.54 33.19
CA PRO A 56 -4.95 -24.52 34.22
C PRO A 56 -3.74 -23.66 34.55
N CYS A 57 -4.02 -22.40 34.87
CA CYS A 57 -3.00 -21.43 35.20
C CYS A 57 -3.31 -20.68 36.50
N THR A 58 -2.27 -20.29 37.21
CA THR A 58 -2.43 -19.38 38.33
C THR A 58 -1.94 -18.00 37.92
N ARG A 59 -2.71 -16.99 38.31
CA ARG A 59 -2.38 -15.61 38.02
C ARG A 59 -1.42 -15.06 39.05
N LYS A 60 -0.35 -14.43 38.57
CA LYS A 60 0.61 -13.79 39.44
C LYS A 60 0.56 -12.28 39.34
N LEU A 61 0.18 -11.64 40.44
CA LEU A 61 0.03 -10.18 40.46
C LEU A 61 1.29 -9.55 41.05
N PHE A 62 1.91 -8.67 40.29
CA PHE A 62 3.21 -8.10 40.67
C PHE A 62 3.07 -6.71 41.28
N ALA A 63 3.94 -6.40 42.24
CA ALA A 63 3.95 -5.09 42.88
C ALA A 63 4.16 -3.95 41.87
N ASN A 64 4.84 -4.26 40.76
CA ASN A 64 5.11 -3.27 39.70
C ASN A 64 5.56 -3.95 38.41
N MET A 65 5.68 -3.19 37.32
CA MET A 65 6.02 -3.74 36.02
C MET A 65 7.44 -4.32 35.94
N ARG A 66 8.38 -3.67 36.62
CA ARG A 66 9.74 -4.17 36.67
C ARG A 66 9.84 -5.55 37.35
N ASP A 67 9.07 -5.76 38.42
CA ASP A 67 9.01 -7.08 39.08
C ASP A 67 8.49 -8.14 38.10
N ALA A 68 7.48 -7.79 37.32
CA ALA A 68 6.93 -8.69 36.31
C ALA A 68 7.97 -9.07 35.24
N SER A 69 8.71 -8.08 34.73
CA SER A 69 9.76 -8.33 33.73
C SER A 69 10.88 -9.18 34.30
N GLN A 70 11.29 -8.88 35.52
CA GLN A 70 12.30 -9.67 36.21
C GLN A 70 11.88 -11.12 36.40
N TRP A 71 10.58 -11.34 36.63
CA TRP A 71 10.05 -12.71 36.82
C TRP A 71 10.09 -13.48 35.51
N ILE A 72 9.79 -12.81 34.41
CA ILE A 72 9.92 -13.43 33.08
C ILE A 72 11.35 -13.94 32.89
N LYS A 73 12.34 -13.12 33.24
CA LYS A 73 13.75 -13.49 33.12
C LYS A 73 14.10 -14.74 33.92
N ARG A 74 13.69 -14.76 35.19
CA ARG A 74 13.97 -15.90 36.07
C ARG A 74 13.24 -17.16 35.63
N MET A 75 12.03 -17.00 35.10
CA MET A 75 11.31 -18.12 34.49
C MET A 75 12.07 -18.74 33.31
N GLU A 76 12.80 -17.90 32.57
CA GLU A 76 13.69 -18.40 31.51
C GLU A 76 14.90 -19.13 32.11
N ASP A 77 15.54 -18.52 33.10
CA ASP A 77 16.65 -19.16 33.83
C ASP A 77 16.24 -20.52 34.40
N ILE A 78 15.01 -20.61 34.90
CA ILE A 78 14.49 -21.88 35.43
C ILE A 78 14.16 -22.86 34.30
N GLY A 79 13.63 -22.33 33.20
CA GLY A 79 13.23 -23.12 32.06
C GLY A 79 11.74 -23.41 32.03
N LEU A 80 10.93 -22.43 32.43
CA LEU A 80 9.48 -22.62 32.49
C LEU A 80 8.77 -21.48 31.77
N GLU A 81 7.64 -21.81 31.17
CA GLU A 81 6.87 -20.83 30.40
C GLU A 81 6.27 -19.76 31.30
N ALA A 82 6.54 -18.50 30.94
CA ALA A 82 5.94 -17.35 31.60
C ALA A 82 4.81 -16.83 30.70
N LEU A 83 3.57 -17.15 31.05
CA LEU A 83 2.43 -16.89 30.17
C LEU A 83 1.82 -15.50 30.40
N GLY A 84 1.09 -14.98 29.42
CA GLY A 84 0.44 -13.68 29.56
C GLY A 84 1.04 -12.58 28.70
N MET A 85 0.34 -11.45 28.65
CA MET A 85 0.76 -10.29 27.84
C MET A 85 1.97 -9.60 28.47
N ASP A 86 3.11 -9.76 27.82
CA ASP A 86 4.37 -9.22 28.32
C ASP A 86 4.57 -7.74 27.92
N ASP A 87 3.75 -7.26 27.00
CA ASP A 87 3.71 -5.82 26.68
C ASP A 87 2.65 -5.20 27.58
N PHE A 88 3.10 -4.61 28.69
CA PHE A 88 2.19 -4.23 29.77
C PHE A 88 1.23 -3.09 29.40
N LYS A 89 1.62 -2.24 28.46
CA LYS A 89 0.70 -1.18 28.05
C LYS A 89 -0.53 -1.71 27.30
N LEU A 90 -0.36 -2.80 26.56
CA LEU A 90 -1.49 -3.47 25.90
C LEU A 90 -2.43 -4.07 26.93
N ALA A 91 -1.86 -4.63 28.00
CA ALA A 91 -2.66 -5.16 29.10
C ALA A 91 -3.39 -4.04 29.82
N TYR A 92 -2.68 -2.95 30.07
CA TYR A 92 -3.29 -1.74 30.64
C TYR A 92 -4.50 -1.29 29.82
N LEU A 93 -4.33 -1.18 28.50
CA LEU A 93 -5.44 -0.75 27.62
C LEU A 93 -6.59 -1.74 27.65
N SER A 94 -6.27 -3.03 27.69
CA SER A 94 -7.27 -4.07 27.76
C SER A 94 -8.12 -3.99 29.03
N ASP A 95 -7.48 -3.65 30.15
CA ASP A 95 -8.16 -3.50 31.44
C ASP A 95 -8.95 -2.20 31.50
N THR A 96 -8.40 -1.14 30.92
CA THR A 96 -8.98 0.20 31.06
C THR A 96 -10.13 0.41 30.08
N TYR A 97 -10.07 -0.28 28.93
CA TYR A 97 -11.06 -0.12 27.86
C TYR A 97 -11.66 -1.46 27.47
N ASN A 98 -12.35 -2.06 28.42
CA ASN A 98 -12.90 -3.39 28.25
C ASN A 98 -14.27 -3.33 27.57
N TYR A 99 -14.28 -2.76 26.38
CA TYR A 99 -15.47 -2.60 25.54
C TYR A 99 -14.98 -2.23 24.15
N GLU A 100 -15.85 -2.30 23.16
CA GLU A 100 -15.51 -1.83 21.83
C GLU A 100 -15.36 -0.31 21.87
N ILE A 101 -14.21 0.19 21.43
CA ILE A 101 -13.92 1.61 21.53
C ILE A 101 -14.65 2.40 20.45
N LYS A 102 -15.47 3.34 20.90
CA LYS A 102 -16.09 4.32 20.03
C LYS A 102 -15.26 5.60 20.20
N TYR A 103 -14.52 5.97 19.16
CA TYR A 103 -13.69 7.16 19.25
C TYR A 103 -14.34 8.33 18.48
N ASP A 104 -13.95 9.53 18.87
CA ASP A 104 -14.44 10.75 18.24
C ASP A 104 -13.22 11.46 17.69
N HIS A 105 -13.00 11.34 16.38
CA HIS A 105 -11.82 11.92 15.73
C HIS A 105 -11.71 13.45 15.90
N THR A 106 -12.83 14.13 16.08
CA THR A 106 -12.83 15.59 16.23
C THR A 106 -12.13 16.05 17.51
N LYS A 107 -11.98 15.13 18.46
CA LYS A 107 -11.31 15.38 19.75
C LYS A 107 -9.83 14.98 19.73
N ILE A 108 -9.39 14.33 18.67
CA ILE A 108 -8.00 13.89 18.55
C ILE A 108 -7.20 14.98 17.81
N ARG A 109 -6.15 15.47 18.46
CA ARG A 109 -5.31 16.50 17.87
C ARG A 109 -4.33 15.89 16.87
N VAL A 110 -4.59 16.15 15.60
CA VAL A 110 -3.75 15.65 14.52
C VAL A 110 -2.92 16.83 14.01
N ALA A 111 -1.60 16.74 14.20
CA ALA A 111 -0.74 17.82 13.74
C ALA A 111 0.01 17.41 12.50
N ASN A 112 -0.03 18.31 11.51
CA ASN A 112 0.67 18.16 10.24
CA ASN A 112 0.68 18.16 10.25
C ASN A 112 1.70 19.29 10.15
N PHE A 113 2.98 18.94 10.15
CA PHE A 113 4.02 19.97 10.08
C PHE A 113 5.16 19.72 9.08
N ASP A 114 5.88 20.80 8.78
CA ASP A 114 6.98 20.80 7.83
C ASP A 114 7.92 21.93 8.21
N ILE A 115 9.23 21.68 8.12
CA ILE A 115 10.19 22.72 8.46
C ILE A 115 11.07 23.05 7.25
N GLU A 116 11.63 24.26 7.25
CA GLU A 116 12.63 24.64 6.27
C GLU A 116 13.93 24.96 6.99
N VAL A 117 15.03 24.57 6.35
CA VAL A 117 16.37 24.81 6.83
C VAL A 117 17.28 25.18 5.67
N THR A 118 17.76 26.42 5.65
CA THR A 118 18.73 26.83 4.62
C THR A 118 20.09 26.20 4.91
N SER A 119 20.68 25.59 3.89
CA SER A 119 21.99 24.97 4.02
C SER A 119 22.88 25.23 2.79
N PRO A 120 23.99 25.98 2.97
CA PRO A 120 24.90 26.29 1.86
C PRO A 120 25.95 25.20 1.57
N ASP A 121 25.99 24.16 2.40
CA ASP A 121 26.97 23.10 2.23
C ASP A 121 26.33 21.71 2.12
N GLY A 122 25.29 21.60 1.29
CA GLY A 122 24.65 20.33 1.00
C GLY A 122 23.49 20.02 1.92
N PHE A 123 23.20 18.74 2.07
CA PHE A 123 22.05 18.29 2.84
C PHE A 123 22.24 18.55 4.34
N PRO A 124 21.25 19.21 4.97
CA PRO A 124 21.29 19.50 6.40
C PRO A 124 20.99 18.26 7.24
N GLU A 125 22.04 17.58 7.71
CA GLU A 125 21.90 16.35 8.50
C GLU A 125 21.22 16.55 9.86
N PRO A 126 20.07 15.89 10.07
CA PRO A 126 19.30 16.02 11.30
C PRO A 126 20.11 15.70 12.57
N SER A 127 21.02 14.73 12.51
CA SER A 127 21.82 14.38 13.68
C SER A 127 22.82 15.48 14.07
N GLN A 128 23.21 16.31 13.09
CA GLN A 128 24.11 17.43 13.35
CA GLN A 128 24.11 17.42 13.36
C GLN A 128 23.33 18.71 13.67
N ALA A 129 22.27 18.96 12.90
CA ALA A 129 21.42 20.15 13.05
C ALA A 129 22.22 21.46 13.22
N LYS A 130 23.15 21.70 12.31
CA LYS A 130 24.09 22.82 12.46
C LYS A 130 23.61 24.10 11.80
N HIS A 131 22.48 24.04 11.10
CA HIS A 131 21.91 25.23 10.46
C HIS A 131 20.59 25.67 11.10
N PRO A 132 20.31 27.00 11.10
CA PRO A 132 19.06 27.48 11.69
C PRO A 132 17.82 26.90 11.03
N ILE A 133 16.80 26.66 11.83
CA ILE A 133 15.48 26.36 11.32
C ILE A 133 14.86 27.72 10.98
N ASP A 134 14.57 27.95 9.71
CA ASP A 134 14.10 29.28 9.29
C ASP A 134 12.62 29.39 8.96
N ALA A 135 11.90 28.27 8.96
CA ALA A 135 10.45 28.27 8.80
C ALA A 135 9.86 26.99 9.39
N ILE A 136 8.76 27.13 10.12
CA ILE A 136 7.90 26.00 10.46
C ILE A 136 6.46 26.33 10.11
N THR A 137 5.81 25.44 9.37
CA THR A 137 4.36 25.50 9.24
C THR A 137 3.77 24.28 9.92
N HIS A 138 2.85 24.55 10.84
CA HIS A 138 2.25 23.54 11.69
C HIS A 138 0.73 23.65 11.66
N TYR A 139 0.06 22.75 10.94
CA TYR A 139 -1.40 22.66 10.91
C TYR A 139 -1.97 21.84 12.08
N ASP A 140 -2.96 22.40 12.75
CA ASP A 140 -3.63 21.76 13.88
C ASP A 140 -5.06 21.41 13.50
N SER A 141 -5.43 20.12 13.61
CA SER A 141 -6.75 19.66 13.17
C SER A 141 -7.92 20.13 14.04
N ILE A 142 -7.66 20.40 15.33
CA ILE A 142 -8.70 20.89 16.23
C ILE A 142 -9.00 22.38 15.95
N ASP A 143 -7.95 23.18 15.80
CA ASP A 143 -8.13 24.60 15.49
C ASP A 143 -8.49 24.83 14.02
N ASP A 144 -8.15 23.85 13.17
CA ASP A 144 -8.23 24.00 11.72
C ASP A 144 -7.47 25.25 11.27
N ARG A 145 -6.24 25.39 11.76
CA ARG A 145 -5.40 26.56 11.42
C ARG A 145 -3.98 26.14 11.06
N PHE A 146 -3.38 26.87 10.12
CA PHE A 146 -1.95 26.73 9.78
C PHE A 146 -1.19 27.81 10.54
N TYR A 147 -0.36 27.35 11.48
CA TYR A 147 0.48 28.22 12.28
C TYR A 147 1.86 28.28 11.62
N VAL A 148 2.23 29.48 11.19
CA VAL A 148 3.46 29.73 10.42
C VAL A 148 4.46 30.48 11.28
N PHE A 149 5.60 29.84 11.54
CA PHE A 149 6.69 30.41 12.32
C PHE A 149 7.79 30.78 11.31
N ASP A 150 8.06 32.07 11.17
CA ASP A 150 8.92 32.59 10.10
C ASP A 150 10.15 33.34 10.66
N LEU A 151 11.34 32.85 10.32
CA LEU A 151 12.57 33.49 10.80
C LEU A 151 13.04 34.61 9.86
N LEU A 152 13.06 35.83 10.37
CA LEU A 152 13.39 36.99 9.54
C LEU A 152 14.89 37.29 9.52
N ASN A 153 15.59 36.93 10.59
CA ASN A 153 17.02 37.20 10.70
C ASN A 153 17.80 35.92 10.93
N SER A 154 18.77 35.67 10.05
CA SER A 154 19.58 34.44 10.10
C SER A 154 20.99 34.77 9.65
N PRO A 155 21.99 33.94 10.05
CA PRO A 155 23.32 34.11 9.46
C PRO A 155 23.34 33.98 7.93
N TYR A 156 22.28 33.41 7.34
CA TYR A 156 22.21 33.27 5.88
C TYR A 156 21.32 34.30 5.20
N GLY A 157 20.94 35.34 5.94
CA GLY A 157 20.21 36.45 5.34
C GLY A 157 19.09 36.99 6.21
N ASN A 158 18.98 38.31 6.20
CA ASN A 158 17.85 39.00 6.80
C ASN A 158 16.81 39.28 5.72
N VAL A 159 15.55 38.99 6.03
CA VAL A 159 14.47 39.12 5.05
C VAL A 159 13.28 39.95 5.55
N GLU A 160 12.40 40.29 4.62
CA GLU A 160 11.16 40.98 4.96
C GLU A 160 10.10 39.95 5.35
N GLU A 161 9.05 40.42 6.04
CA GLU A 161 7.92 39.58 6.38
C GLU A 161 7.24 39.03 5.12
N TRP A 162 6.69 37.83 5.25
CA TRP A 162 5.89 37.22 4.21
C TRP A 162 4.58 37.98 4.12
N SER A 163 4.12 38.22 2.90
CA SER A 163 2.85 38.91 2.69
C SER A 163 1.73 37.95 2.30
N ILE A 164 0.69 37.90 3.13
CA ILE A 164 -0.48 37.05 2.84
C ILE A 164 -1.20 37.53 1.57
N GLU A 165 -1.11 38.82 1.28
CA GLU A 165 -1.78 39.40 0.12
C GLU A 165 -1.14 38.93 -1.19
N ILE A 166 0.18 39.02 -1.28
CA ILE A 166 0.92 38.47 -2.43
C ILE A 166 0.74 36.94 -2.53
N ALA A 167 0.75 36.25 -1.40
CA ALA A 167 0.61 34.79 -1.36
C ALA A 167 -0.68 34.31 -2.01
N ALA A 168 -1.77 35.06 -1.78
CA ALA A 168 -3.10 34.77 -2.32
C ALA A 168 -3.19 34.98 -3.83
N LYS A 169 -2.40 35.92 -4.34
CA LYS A 169 -2.49 36.30 -5.75
C LYS A 169 -2.07 35.18 -6.69
N LEU A 170 -2.61 35.21 -7.91
CA LEU A 170 -2.23 34.28 -8.96
C LEU A 170 -0.74 34.35 -9.29
N GLN A 171 -0.18 33.24 -9.77
CA GLN A 171 1.20 33.22 -10.27
C GLN A 171 1.39 34.30 -11.36
N GLU A 172 0.36 34.46 -12.18
CA GLU A 172 0.34 35.46 -13.26
C GLU A 172 0.28 36.90 -12.73
N GLN A 173 0.06 37.05 -11.44
CA GLN A 173 0.11 38.35 -10.76
C GLN A 173 1.42 38.54 -10.02
N GLY A 174 2.30 37.53 -10.07
CA GLY A 174 3.53 37.55 -9.28
C GLY A 174 3.31 36.95 -7.90
N GLY A 175 2.16 36.33 -7.71
CA GLY A 175 1.79 35.72 -6.42
C GLY A 175 2.23 34.28 -6.33
N ASP A 176 1.85 33.60 -5.23
CA ASP A 176 2.27 32.23 -4.98
C ASP A 176 1.12 31.24 -5.09
N GLU A 177 -0.07 31.76 -5.33
CA GLU A 177 -1.31 30.96 -5.47
C GLU A 177 -1.58 30.01 -4.32
N VAL A 178 -1.35 30.47 -3.09
CA VAL A 178 -1.78 29.72 -1.91
C VAL A 178 -3.30 29.64 -2.05
N PRO A 179 -3.85 28.41 -2.02
CA PRO A 179 -5.26 28.14 -2.25
C PRO A 179 -6.14 29.02 -1.37
N SER A 180 -7.16 29.62 -1.98
CA SER A 180 -8.01 30.59 -1.31
C SER A 180 -8.71 29.99 -0.09
N GLU A 181 -9.07 28.72 -0.17
CA GLU A 181 -9.74 28.03 0.94
C GLU A 181 -8.91 27.86 2.24
N ILE A 182 -7.61 28.15 2.18
CA ILE A 182 -6.78 28.11 3.40
C ILE A 182 -6.25 29.48 3.82
N ILE A 183 -6.40 30.47 2.95
CA ILE A 183 -5.90 31.82 3.23
C ILE A 183 -6.38 32.35 4.59
N ASP A 184 -7.65 32.15 4.91
CA ASP A 184 -8.24 32.66 6.13
C ASP A 184 -7.89 31.79 7.33
N LYS A 185 -7.16 30.70 7.09
CA LYS A 185 -6.82 29.75 8.16
C LYS A 185 -5.35 29.84 8.58
N ILE A 186 -4.63 30.83 8.04
CA ILE A 186 -3.20 31.01 8.33
C ILE A 186 -3.00 32.02 9.46
N ILE A 187 -2.22 31.60 10.44
CA ILE A 187 -1.84 32.47 11.53
C ILE A 187 -0.33 32.62 11.42
N TYR A 188 0.08 33.82 11.03
CA TYR A 188 1.46 34.10 10.67
C TYR A 188 2.23 34.78 11.80
N MET A 189 3.37 34.21 12.16
CA MET A 189 4.17 34.76 13.26
C MET A 189 5.63 34.94 12.82
N PRO A 190 6.04 36.20 12.58
CA PRO A 190 7.44 36.42 12.26
C PRO A 190 8.31 36.53 13.53
N PHE A 191 9.60 36.26 13.39
CA PHE A 191 10.51 36.30 14.53
C PHE A 191 11.83 36.91 14.08
N ASP A 192 12.42 37.74 14.93
CA ASP A 192 13.69 38.38 14.56
CA ASP A 192 13.68 38.42 14.62
C ASP A 192 14.92 37.59 14.99
N ASN A 193 14.70 36.45 15.64
CA ASN A 193 15.78 35.52 15.98
C ASN A 193 15.30 34.09 16.23
N GLU A 194 16.15 33.11 15.92
CA GLU A 194 15.78 31.70 15.98
C GLU A 194 15.46 31.21 17.40
N LYS A 195 16.16 31.73 18.40
CA LYS A 195 15.89 31.34 19.79
C LYS A 195 14.46 31.67 20.18
N GLU A 196 13.99 32.88 19.88
CA GLU A 196 12.61 33.20 20.19
C GLU A 196 11.61 32.35 19.39
N LEU A 197 11.90 32.11 18.11
CA LEU A 197 11.03 31.27 17.27
C LEU A 197 10.85 29.89 17.95
N LEU A 198 11.96 29.28 18.30
CA LEU A 198 11.92 27.94 18.88
C LEU A 198 11.27 27.90 20.26
N MET A 199 11.53 28.91 21.08
CA MET A 199 10.93 28.98 22.42
C MET A 199 9.42 29.14 22.32
N GLU A 200 8.96 29.98 21.39
CA GLU A 200 7.54 30.13 21.13
C GLU A 200 6.94 28.85 20.54
N TYR A 201 7.66 28.19 19.62
CA TYR A 201 7.17 26.93 19.05
C TYR A 201 6.91 25.89 20.14
N LEU A 202 7.82 25.81 21.09
CA LEU A 202 7.69 24.86 22.19
C LEU A 202 6.54 25.22 23.14
N ASN A 203 6.33 26.52 23.38
CA ASN A 203 5.19 26.97 24.18
C ASN A 203 3.86 26.65 23.50
N PHE A 204 3.84 26.85 22.19
CA PHE A 204 2.72 26.49 21.34
C PHE A 204 2.45 24.98 21.40
N TRP A 205 3.51 24.19 21.29
CA TRP A 205 3.44 22.71 21.34
C TRP A 205 2.85 22.22 22.66
N GLN A 206 3.30 22.80 23.79
CA GLN A 206 2.70 22.51 25.10
C GLN A 206 1.21 22.80 25.14
N GLN A 207 0.80 23.91 24.52
CA GLN A 207 -0.60 24.27 24.50
C GLN A 207 -1.39 23.31 23.61
N LYS A 208 -0.82 22.96 22.46
CA LYS A 208 -1.52 22.17 21.45
C LYS A 208 -0.68 20.95 21.13
N THR A 209 -0.51 20.08 22.12
CA THR A 209 0.35 18.91 21.98
C THR A 209 -0.25 17.89 21.03
N PRO A 210 0.45 17.60 19.93
CA PRO A 210 -0.09 16.63 18.98
C PRO A 210 -0.32 15.27 19.63
N VAL A 211 -1.39 14.60 19.22
CA VAL A 211 -1.61 13.19 19.54
C VAL A 211 -1.09 12.38 18.37
N ILE A 212 -1.63 12.66 17.19
CA ILE A 212 -1.11 12.11 15.94
C ILE A 212 -0.23 13.17 15.32
N LEU A 213 0.99 12.78 14.99
CA LEU A 213 1.93 13.70 14.36
C LEU A 213 2.36 13.13 13.01
N THR A 214 2.13 13.91 11.97
CA THR A 214 2.39 13.48 10.63
C THR A 214 2.96 14.65 9.80
N GLY A 215 3.14 14.41 8.50
CA GLY A 215 3.82 15.32 7.59
C GLY A 215 4.55 14.43 6.59
N TRP A 216 5.46 15.00 5.83
CA TRP A 216 6.19 14.23 4.81
C TRP A 216 7.65 14.10 5.19
N ASN A 217 8.08 12.86 5.46
CA ASN A 217 9.42 12.59 5.99
C ASN A 217 9.67 13.18 7.37
N VAL A 218 8.60 13.46 8.13
CA VAL A 218 8.79 14.03 9.46
C VAL A 218 9.60 13.14 10.39
N GLU A 219 9.44 11.82 10.28
CA GLU A 219 10.16 10.90 11.19
C GLU A 219 11.65 10.85 10.91
N SER A 220 12.02 10.94 9.64
CA SER A 220 13.44 10.82 9.28
C SER A 220 14.12 12.19 9.20
N PHE A 221 13.37 13.24 8.92
CA PHE A 221 13.94 14.60 8.86
C PHE A 221 13.42 15.62 9.89
N ALA A 222 12.17 16.07 9.74
CA ALA A 222 11.69 17.18 10.58
C ALA A 222 11.81 16.94 12.10
N ILE A 223 11.30 15.82 12.58
CA ILE A 223 11.33 15.55 14.02
C ILE A 223 12.76 15.53 14.56
N PRO A 224 13.65 14.71 13.97
CA PRO A 224 15.01 14.70 14.52
C PRO A 224 15.76 16.02 14.35
N TYR A 225 15.47 16.76 13.27
CA TYR A 225 16.13 18.06 13.08
C TYR A 225 15.72 19.05 14.17
N VAL A 226 14.41 19.18 14.39
CA VAL A 226 13.87 20.06 15.43
C VAL A 226 14.41 19.65 16.80
N TYR A 227 14.32 18.35 17.11
CA TYR A 227 14.83 17.87 18.38
C TYR A 227 16.30 18.25 18.58
N ASN A 228 17.14 17.90 17.60
CA ASN A 228 18.58 18.13 17.70
C ASN A 228 18.99 19.60 17.68
N ARG A 229 18.27 20.41 16.91
CA ARG A 229 18.54 21.84 16.85
C ARG A 229 18.26 22.49 18.20
N ILE A 230 17.10 22.18 18.79
CA ILE A 230 16.73 22.68 20.12
C ILE A 230 17.74 22.20 21.16
N LYS A 231 18.07 20.91 21.08
CA LYS A 231 19.08 20.32 21.96
C LYS A 231 20.43 21.06 21.91
N ASN A 232 20.88 21.38 20.71
CA ASN A 232 22.15 22.08 20.51
C ASN A 232 22.14 23.53 21.00
N ILE A 233 21.02 24.22 20.81
CA ILE A 233 20.88 25.59 21.27
C ILE A 233 20.61 25.70 22.78
N PHE A 234 19.69 24.88 23.30
CA PHE A 234 19.18 25.05 24.67
C PHE A 234 19.57 23.95 25.64
N GLY A 235 19.95 22.78 25.12
CA GLY A 235 20.23 21.63 25.98
C GLY A 235 19.13 20.59 25.88
N GLU A 236 19.41 19.39 26.39
CA GLU A 236 18.50 18.25 26.29
C GLU A 236 17.12 18.43 26.92
N SER A 237 17.09 19.01 28.13
CA SER A 237 15.83 19.10 28.88
C SER A 237 14.79 19.90 28.09
N THR A 238 15.26 20.96 27.41
CA THR A 238 14.37 21.77 26.58
C THR A 238 13.87 21.00 25.36
N ALA A 239 14.76 20.26 24.70
CA ALA A 239 14.35 19.45 23.55
C ALA A 239 13.31 18.38 23.90
N LYS A 240 13.44 17.79 25.10
CA LYS A 240 12.50 16.77 25.57
C LYS A 240 11.07 17.28 25.84
N ARG A 241 10.90 18.60 25.78
CA ARG A 241 9.58 19.23 25.87
C ARG A 241 8.65 18.89 24.68
N LEU A 242 9.24 18.38 23.60
CA LEU A 242 8.48 17.80 22.48
C LEU A 242 7.70 16.55 22.91
N SER A 243 8.12 15.92 24.00
CA SER A 243 7.38 14.83 24.58
C SER A 243 6.52 15.36 25.71
N PRO A 244 5.24 14.99 25.76
CA PRO A 244 4.38 15.45 26.87
C PRO A 244 4.80 14.89 28.23
N HIS A 245 5.54 13.79 28.22
CA HIS A 245 6.06 13.24 29.46
C HIS A 245 7.54 13.52 29.64
N ARG A 246 8.07 14.41 28.81
CA ARG A 246 9.51 14.77 28.84
C ARG A 246 10.43 13.54 28.74
N LYS A 247 10.01 12.52 28.00
CA LYS A 247 10.88 11.38 27.75
C LYS A 247 11.03 11.13 26.24
N THR A 248 12.28 10.96 25.83
CA THR A 248 12.60 10.67 24.44
C THR A 248 13.66 9.58 24.41
N ARG A 249 13.72 8.84 23.31
CA ARG A 249 14.77 7.86 23.09
C ARG A 249 15.31 8.03 21.69
N VAL A 250 16.64 7.94 21.56
CA VAL A 250 17.24 7.82 20.24
C VAL A 250 17.10 6.37 19.82
N LYS A 251 16.30 6.14 18.77
CA LYS A 251 16.03 4.78 18.30
C LYS A 251 16.76 4.51 16.99
N VAL A 252 17.55 3.44 16.99
CA VAL A 252 18.29 3.02 15.80
C VAL A 252 17.44 2.10 14.93
N ILE A 253 17.18 2.55 13.71
CA ILE A 253 16.44 1.75 12.72
C ILE A 253 17.45 1.02 11.84
N GLU A 254 17.45 -0.31 11.95
CA GLU A 254 18.42 -1.15 11.25
C GLU A 254 17.76 -1.97 10.14
N ASN A 255 18.36 -1.94 8.96
CA ASN A 255 17.91 -2.78 7.84
C ASN A 255 19.02 -3.72 7.34
N MET A 256 18.88 -4.17 6.09
CA MET A 256 19.80 -5.12 5.48
C MET A 256 21.25 -4.58 5.42
N TYR A 257 21.41 -3.36 4.93
CA TYR A 257 22.73 -2.78 4.70
C TYR A 257 22.89 -1.41 5.35
N GLY A 258 23.15 -1.39 6.66
CA GLY A 258 23.33 -0.15 7.41
C GLY A 258 22.16 0.22 8.30
N SER A 259 22.25 1.39 8.94
CA SER A 259 21.22 1.85 9.87
C SER A 259 21.09 3.38 9.96
N ARG A 260 19.95 3.83 10.50
CA ARG A 260 19.67 5.25 10.69
C ARG A 260 19.04 5.48 12.07
N GLU A 261 18.93 6.75 12.48
CA GLU A 261 18.42 7.08 13.82
C GLU A 261 17.20 7.99 13.82
N ILE A 262 16.22 7.60 14.62
CA ILE A 262 15.00 8.38 14.79
C ILE A 262 14.81 8.72 16.28
N ILE A 263 13.98 9.71 16.55
CA ILE A 263 13.74 10.15 17.91
C ILE A 263 12.34 9.71 18.31
N THR A 264 12.26 8.88 19.34
CA THR A 264 10.98 8.43 19.84
C THR A 264 10.50 9.48 20.84
N LEU A 265 9.34 10.07 20.57
CA LEU A 265 8.74 11.04 21.46
C LEU A 265 7.68 10.32 22.29
N PHE A 266 7.98 10.04 23.56
CA PHE A 266 6.98 9.37 24.40
C PHE A 266 5.72 10.22 24.54
N GLY A 267 4.57 9.58 24.36
CA GLY A 267 3.28 10.25 24.51
C GLY A 267 2.81 10.93 23.23
N ILE A 268 3.54 10.75 22.13
CA ILE A 268 3.12 11.16 20.78
C ILE A 268 3.05 9.91 19.89
N SER A 269 2.07 9.86 18.99
CA SER A 269 2.01 8.80 17.98
C SER A 269 2.40 9.38 16.61
N VAL A 270 3.62 9.09 16.19
CA VAL A 270 4.13 9.61 14.92
C VAL A 270 3.70 8.68 13.80
N LEU A 271 2.93 9.23 12.85
CA LEU A 271 2.57 8.52 11.64
C LEU A 271 3.09 9.31 10.44
N ASP A 272 4.34 9.07 10.06
CA ASP A 272 4.94 9.77 8.94
C ASP A 272 4.10 9.47 7.68
N TYR A 273 3.64 10.50 6.97
CA TYR A 273 2.73 10.24 5.85
C TYR A 273 3.41 9.47 4.72
N ILE A 274 4.71 9.66 4.53
CA ILE A 274 5.42 8.87 3.52
C ILE A 274 5.30 7.37 3.83
N ASP A 275 5.33 7.02 5.12
CA ASP A 275 5.27 5.62 5.54
C ASP A 275 3.83 5.09 5.46
N LEU A 276 2.87 5.91 5.88
CA LEU A 276 1.46 5.64 5.63
C LEU A 276 1.21 5.37 4.14
N TYR A 277 1.69 6.25 3.27
CA TYR A 277 1.51 6.10 1.83
C TYR A 277 2.11 4.78 1.33
N LYS A 278 3.36 4.48 1.72
CA LYS A 278 4.02 3.27 1.27
C LYS A 278 3.32 1.98 1.73
N LYS A 279 2.73 2.00 2.93
CA LYS A 279 2.11 0.78 3.46
C LYS A 279 0.71 0.58 2.89
N PHE A 280 -0.01 1.70 2.71
CA PHE A 280 -1.45 1.62 2.49
C PHE A 280 -1.93 1.98 1.07
N SER A 281 -1.04 2.55 0.25
CA SER A 281 -1.43 3.00 -1.09
C SER A 281 -1.44 1.92 -2.17
N PHE A 282 -0.66 0.86 -1.96
CA PHE A 282 -0.41 -0.19 -2.98
C PHE A 282 -0.01 0.35 -4.33
N THR A 283 0.90 1.32 -4.29
CA THR A 283 1.57 1.82 -5.47
C THR A 283 3.04 1.48 -5.26
N ASN A 284 3.81 1.50 -6.33
CA ASN A 284 5.26 1.59 -6.20
C ASN A 284 5.67 2.71 -7.15
N GLN A 285 6.16 3.79 -6.55
CA GLN A 285 6.40 5.02 -7.29
C GLN A 285 7.88 5.15 -7.66
N PRO A 286 8.17 5.77 -8.83
CA PRO A 286 9.55 6.06 -9.24
C PRO A 286 10.24 7.04 -8.29
N SER A 287 9.45 7.84 -7.57
CA SER A 287 9.96 8.84 -6.64
C SER A 287 8.94 9.08 -5.54
N TYR A 288 9.44 9.37 -4.34
CA TYR A 288 8.60 9.69 -3.19
C TYR A 288 8.77 11.12 -2.66
N SER A 289 9.22 12.02 -3.53
CA SER A 289 9.20 13.44 -3.20
C SER A 289 7.73 13.89 -3.14
N LEU A 290 7.44 14.86 -2.30
CA LEU A 290 6.07 15.31 -2.14
C LEU A 290 5.52 15.92 -3.44
N ASP A 291 6.37 16.64 -4.16
CA ASP A 291 6.07 17.14 -5.50
C ASP A 291 5.55 16.02 -6.39
N TYR A 292 6.27 14.91 -6.41
CA TYR A 292 5.96 13.81 -7.30
C TYR A 292 4.63 13.15 -6.91
N ILE A 293 4.47 12.85 -5.62
CA ILE A 293 3.28 12.19 -5.11
C ILE A 293 2.05 13.09 -5.23
N SER A 294 2.22 14.37 -4.89
CA SER A 294 1.14 15.35 -5.02
C SER A 294 0.63 15.40 -6.45
N GLU A 295 1.55 15.45 -7.41
CA GLU A 295 1.17 15.46 -8.83
C GLU A 295 0.40 14.19 -9.18
N PHE A 296 0.89 13.05 -8.72
CA PHE A 296 0.26 11.77 -9.00
C PHE A 296 -1.14 11.66 -8.39
N GLU A 297 -1.28 12.08 -7.15
CA GLU A 297 -2.51 11.90 -6.40
C GLU A 297 -3.57 12.94 -6.72
N LEU A 298 -3.14 14.17 -6.93
CA LEU A 298 -4.04 15.32 -6.96
C LEU A 298 -4.04 16.05 -8.30
N ASN A 299 -3.12 15.66 -9.18
CA ASN A 299 -2.91 16.33 -10.47
CA ASN A 299 -2.90 16.32 -10.48
C ASN A 299 -2.62 17.82 -10.34
N VAL A 300 -1.87 18.19 -9.30
CA VAL A 300 -1.46 19.57 -9.07
C VAL A 300 -0.06 19.76 -9.66
N GLY A 301 0.19 20.95 -10.21
CA GLY A 301 1.48 21.27 -10.81
C GLY A 301 2.58 21.38 -9.77
N LYS A 302 3.79 20.96 -10.15
CA LYS A 302 4.98 21.09 -9.31
C LYS A 302 5.22 22.53 -8.85
N LEU A 303 5.57 22.68 -7.56
CA LEU A 303 5.93 24.00 -7.00
C LEU A 303 7.19 24.55 -7.66
N LYS A 304 7.00 25.51 -8.55
CA LYS A 304 8.09 26.05 -9.36
C LYS A 304 8.80 27.22 -8.69
N TYR A 305 10.13 27.17 -8.70
CA TYR A 305 10.98 28.28 -8.28
C TYR A 305 12.31 28.26 -9.03
N ASP A 306 12.91 29.45 -9.18
CA ASP A 306 14.22 29.58 -9.82
C ASP A 306 15.36 29.33 -8.84
N GLY A 307 16.46 28.74 -9.33
CA GLY A 307 17.66 28.52 -8.52
C GLY A 307 17.53 27.38 -7.52
N PRO A 308 18.62 27.05 -6.81
CA PRO A 308 18.61 25.96 -5.82
C PRO A 308 17.86 26.35 -4.55
N ILE A 309 17.32 25.36 -3.85
CA ILE A 309 16.59 25.58 -2.60
C ILE A 309 17.46 26.28 -1.55
N SER A 310 18.77 26.10 -1.66
CA SER A 310 19.72 26.70 -0.73
C SER A 310 19.83 28.23 -0.88
N LYS A 311 19.30 28.76 -1.98
CA LYS A 311 19.32 30.21 -2.19
C LYS A 311 17.90 30.79 -2.31
N LEU A 312 16.88 29.95 -2.14
CA LEU A 312 15.49 30.38 -2.29
C LEU A 312 15.05 31.39 -1.23
N ARG A 313 15.42 31.16 0.03
CA ARG A 313 15.06 32.12 1.08
C ARG A 313 15.64 33.52 0.84
N GLU A 314 16.94 33.59 0.53
CA GLU A 314 17.55 34.91 0.32
C GLU A 314 17.05 35.58 -0.96
N SER A 315 16.81 34.80 -2.00
CA SER A 315 16.39 35.34 -3.29
C SER A 315 14.88 35.63 -3.34
N ASN A 316 14.07 34.79 -2.70
CA ASN A 316 12.62 34.92 -2.75
C ASN A 316 11.92 34.32 -1.53
N HIS A 317 12.17 34.93 -0.36
CA HIS A 317 11.56 34.54 0.91
C HIS A 317 10.03 34.45 0.84
N GLN A 318 9.41 35.35 0.09
CA GLN A 318 7.97 35.32 -0.12
C GLN A 318 7.50 33.96 -0.61
N ARG A 319 8.11 33.50 -1.70
CA ARG A 319 7.80 32.20 -2.29
C ARG A 319 8.23 31.05 -1.35
N TYR A 320 9.36 31.26 -0.67
CA TYR A 320 9.90 30.27 0.30
C TYR A 320 8.89 29.85 1.35
N ILE A 321 8.32 30.85 2.03
CA ILE A 321 7.29 30.62 3.05
C ILE A 321 6.00 30.09 2.45
N SER A 322 5.53 30.67 1.34
CA SER A 322 4.32 30.17 0.68
C SER A 322 4.42 28.67 0.34
N TYR A 323 5.58 28.25 -0.17
CA TYR A 323 5.75 26.85 -0.57
C TYR A 323 5.85 25.90 0.61
N ASN A 324 6.38 26.40 1.73
CA ASN A 324 6.32 25.70 3.02
C ASN A 324 4.87 25.47 3.48
N ILE A 325 4.02 26.49 3.35
CA ILE A 325 2.62 26.34 3.72
C ILE A 325 1.91 25.36 2.77
N ILE A 326 2.10 25.54 1.47
CA ILE A 326 1.46 24.68 0.47
C ILE A 326 1.85 23.21 0.67
N ALA A 327 3.13 22.99 0.92
CA ALA A 327 3.64 21.65 1.22
C ALA A 327 2.86 20.95 2.35
N VAL A 328 2.50 21.71 3.40
CA VAL A 328 1.72 21.15 4.52
C VAL A 328 0.32 20.85 4.02
N TYR A 329 -0.27 21.79 3.29
CA TYR A 329 -1.59 21.58 2.75
C TYR A 329 -1.69 20.39 1.78
N ARG A 330 -0.68 20.17 0.96
CA ARG A 330 -0.65 19.05 0.01
CA ARG A 330 -0.74 19.06 0.02
C ARG A 330 -0.86 17.72 0.74
N VAL A 331 -0.18 17.55 1.86
CA VAL A 331 -0.34 16.33 2.65
C VAL A 331 -1.78 16.16 3.15
N LEU A 332 -2.40 17.27 3.58
CA LEU A 332 -3.80 17.26 4.00
C LEU A 332 -4.74 16.91 2.85
N GLN A 333 -4.42 17.41 1.65
CA GLN A 333 -5.20 17.10 0.46
C GLN A 333 -5.06 15.62 0.09
N ILE A 334 -3.85 15.10 0.17
CA ILE A 334 -3.64 13.66 -0.08
C ILE A 334 -4.45 12.84 0.91
N ASP A 335 -4.44 13.23 2.19
CA ASP A 335 -5.19 12.48 3.20
C ASP A 335 -6.71 12.60 3.04
N ALA A 336 -7.19 13.76 2.58
CA ALA A 336 -8.62 13.91 2.30
C ALA A 336 -9.06 12.88 1.26
N LYS A 337 -8.19 12.62 0.28
CA LYS A 337 -8.47 11.66 -0.77
C LYS A 337 -8.34 10.22 -0.25
N ARG A 338 -7.14 9.90 0.24
CA ARG A 338 -6.74 8.53 0.60
C ARG A 338 -7.26 8.03 1.96
N GLN A 339 -7.40 8.95 2.92
CA GLN A 339 -8.01 8.65 4.23
C GLN A 339 -7.18 7.63 5.04
N PHE A 340 -5.85 7.75 4.94
CA PHE A 340 -4.96 6.85 5.70
C PHE A 340 -4.91 7.12 7.20
N ILE A 341 -5.09 8.39 7.60
CA ILE A 341 -5.18 8.73 9.03
C ILE A 341 -6.44 8.09 9.64
N ASN A 342 -7.57 8.26 8.96
CA ASN A 342 -8.81 7.60 9.37
C ASN A 342 -8.64 6.07 9.49
N LEU A 343 -8.01 5.48 8.48
CA LEU A 343 -7.71 4.03 8.51
C LEU A 343 -6.90 3.61 9.74
N SER A 344 -5.87 4.37 10.08
CA SER A 344 -4.96 4.05 11.20
C SER A 344 -5.71 4.13 12.54
N LEU A 345 -6.52 5.17 12.69
CA LEU A 345 -7.35 5.36 13.88
C LEU A 345 -8.34 4.20 14.02
N ASP A 346 -9.08 3.89 12.95
CA ASP A 346 -9.99 2.74 12.93
C ASP A 346 -9.30 1.46 13.39
N MET A 347 -8.19 1.10 12.72
CA MET A 347 -7.50 -0.17 13.01
C MET A 347 -6.84 -0.19 14.38
N GLY A 348 -6.26 0.93 14.77
CA GLY A 348 -5.55 1.04 16.04
C GLY A 348 -6.49 0.84 17.21
N TYR A 349 -7.64 1.50 17.14
CA TYR A 349 -8.64 1.46 18.20
C TYR A 349 -9.33 0.10 18.25
N TYR A 350 -9.52 -0.51 17.09
CA TYR A 350 -10.08 -1.85 17.01
C TYR A 350 -9.21 -2.87 17.73
N ALA A 351 -7.90 -2.78 17.49
CA ALA A 351 -6.93 -3.71 18.06
C ALA A 351 -6.59 -3.38 19.51
N LYS A 352 -6.83 -2.13 19.91
CA LYS A 352 -6.42 -1.58 21.20
C LYS A 352 -4.90 -1.57 21.34
N ILE A 353 -4.25 -0.88 20.39
CA ILE A 353 -2.81 -0.72 20.35
C ILE A 353 -2.47 0.76 20.28
N GLN A 354 -1.19 1.10 20.53
CA GLN A 354 -0.70 2.42 20.17
C GLN A 354 -1.01 2.60 18.68
N ILE A 355 -1.50 3.77 18.29
CA ILE A 355 -1.90 3.95 16.89
C ILE A 355 -0.73 3.65 15.94
N GLN A 356 0.50 4.01 16.31
CA GLN A 356 1.65 3.84 15.41
C GLN A 356 1.95 2.36 15.15
N SER A 357 1.39 1.48 15.99
CA SER A 357 1.54 0.04 15.79
C SER A 357 0.75 -0.53 14.62
N VAL A 358 -0.07 0.28 13.95
CA VAL A 358 -0.74 -0.21 12.76
C VAL A 358 0.27 -0.58 11.65
N PHE A 359 1.51 -0.11 11.75
CA PHE A 359 2.57 -0.49 10.82
C PHE A 359 3.03 -1.95 10.98
N SER A 360 2.68 -2.56 12.11
CA SER A 360 3.08 -3.94 12.41
C SER A 360 1.86 -4.86 12.47
N PRO A 361 1.60 -5.62 11.40
CA PRO A 361 0.48 -6.54 11.46
C PRO A 361 0.64 -7.57 12.60
N ILE A 362 1.89 -7.88 12.97
CA ILE A 362 2.13 -8.83 14.07
C ILE A 362 1.65 -8.23 15.39
N LYS A 363 2.01 -6.98 15.65
CA LYS A 363 1.58 -6.30 16.87
C LYS A 363 0.07 -6.19 16.92
N THR A 364 -0.51 -5.83 15.77
CA THR A 364 -1.94 -5.66 15.63
C THR A 364 -2.71 -6.95 15.96
N TRP A 365 -2.32 -8.04 15.32
CA TRP A 365 -2.96 -9.35 15.57
C TRP A 365 -2.67 -9.88 16.97
N ASP A 366 -1.47 -9.61 17.47
CA ASP A 366 -1.14 -10.05 18.85
C ASP A 366 -2.14 -9.41 19.81
N ALA A 367 -2.43 -8.12 19.62
CA ALA A 367 -3.38 -7.42 20.46
C ALA A 367 -4.82 -7.87 20.29
N ILE A 368 -5.27 -8.01 19.03
CA ILE A 368 -6.63 -8.50 18.74
C ILE A 368 -6.87 -9.86 19.41
N ILE A 369 -5.93 -10.76 19.21
CA ILE A 369 -6.07 -12.12 19.72
C ILE A 369 -6.02 -12.17 21.25
N PHE A 370 -5.12 -11.36 21.84
CA PHE A 370 -5.05 -11.22 23.29
C PHE A 370 -6.32 -10.70 23.91
N ASN A 371 -6.88 -9.63 23.36
CA ASN A 371 -8.15 -9.14 23.86
C ASN A 371 -9.28 -10.17 23.74
N SER A 372 -9.31 -10.90 22.62
CA SER A 372 -10.34 -11.92 22.37
C SER A 372 -10.26 -13.04 23.40
N LEU A 373 -9.05 -13.54 23.62
CA LEU A 373 -8.86 -14.64 24.58
C LEU A 373 -9.15 -14.20 26.01
N LYS A 374 -8.70 -12.99 26.37
CA LYS A 374 -8.87 -12.46 27.72
C LYS A 374 -10.34 -12.43 28.15
N GLU A 375 -11.22 -12.09 27.20
CA GLU A 375 -12.67 -12.11 27.39
C GLU A 375 -13.22 -13.42 27.95
N GLN A 376 -12.54 -14.52 27.61
CA GLN A 376 -12.96 -15.85 28.02
C GLN A 376 -12.11 -16.34 29.19
N ASN A 377 -11.37 -15.43 29.82
CA ASN A 377 -10.41 -15.76 30.89
C ASN A 377 -9.29 -16.71 30.45
N LYS A 378 -8.98 -16.70 29.16
CA LYS A 378 -7.91 -17.52 28.62
C LYS A 378 -6.58 -16.78 28.63
N VAL A 379 -5.49 -17.54 28.64
CA VAL A 379 -4.17 -17.02 28.89
C VAL A 379 -3.28 -17.28 27.68
N ILE A 380 -2.70 -16.22 27.10
CA ILE A 380 -1.88 -16.36 25.90
C ILE A 380 -0.53 -17.02 26.22
N PRO A 381 0.02 -17.84 25.29
CA PRO A 381 1.32 -18.48 25.53
C PRO A 381 2.47 -17.47 25.45
N GLN A 382 3.60 -17.83 26.04
CA GLN A 382 4.80 -17.02 25.91
C GLN A 382 5.35 -17.10 24.50
N GLY A 383 5.83 -15.96 24.00
CA GLY A 383 6.61 -15.92 22.77
C GLY A 383 7.90 -16.70 22.91
N ARG A 384 8.30 -17.37 21.83
CA ARG A 384 9.51 -18.20 21.80
C ARG A 384 10.39 -17.83 20.61
N SER A 385 11.66 -18.23 20.70
CA SER A 385 12.62 -18.03 19.64
C SER A 385 12.48 -19.15 18.61
N HIS A 386 12.53 -18.80 17.32
CA HIS A 386 12.53 -19.81 16.25
C HIS A 386 13.52 -19.45 15.15
N PRO A 387 14.23 -20.46 14.60
CA PRO A 387 15.09 -20.22 13.44
C PRO A 387 14.24 -19.96 12.19
N VAL A 388 14.65 -19.01 11.36
CA VAL A 388 13.93 -18.75 10.10
C VAL A 388 14.06 -19.96 9.18
N GLN A 389 12.93 -20.44 8.69
CA GLN A 389 12.86 -21.60 7.79
C GLN A 389 11.96 -21.31 6.60
N PRO A 390 12.38 -21.72 5.39
CA PRO A 390 11.52 -21.56 4.21
C PRO A 390 10.32 -22.51 4.28
N TYR A 391 9.20 -22.14 3.65
CA TYR A 391 8.06 -23.06 3.53
C TYR A 391 7.31 -22.83 2.22
N PRO A 392 6.56 -23.86 1.76
CA PRO A 392 5.93 -23.78 0.43
C PRO A 392 4.73 -22.84 0.34
N GLY A 393 4.54 -22.31 -0.86
CA GLY A 393 3.48 -21.33 -1.09
C GLY A 393 2.46 -21.83 -2.07
N ALA A 394 2.10 -20.96 -3.00
CA ALA A 394 1.02 -21.23 -3.92
C ALA A 394 1.45 -22.01 -5.16
N PHE A 395 0.46 -22.54 -5.87
CA PHE A 395 0.66 -23.13 -7.18
C PHE A 395 0.33 -22.09 -8.27
N VAL A 396 1.17 -22.06 -9.29
CA VAL A 396 0.97 -21.20 -10.46
C VAL A 396 1.11 -22.08 -11.69
N LYS A 397 0.09 -22.07 -12.55
CA LYS A 397 0.05 -22.94 -13.72
C LYS A 397 0.91 -22.32 -14.82
N GLU A 398 1.69 -23.14 -15.52
CA GLU A 398 2.43 -22.67 -16.70
C GLU A 398 1.49 -22.45 -17.91
N PRO A 399 1.29 -21.20 -18.36
CA PRO A 399 0.41 -21.07 -19.52
C PRO A 399 1.16 -21.35 -20.84
N ILE A 400 0.44 -21.86 -21.84
CA ILE A 400 0.98 -21.90 -23.20
C ILE A 400 0.94 -20.46 -23.73
N PRO A 401 2.12 -19.88 -24.07
CA PRO A 401 2.10 -18.50 -24.59
C PRO A 401 1.31 -18.42 -25.88
N ASN A 402 0.38 -17.48 -25.96
CA ASN A 402 -0.55 -17.40 -27.09
C ASN A 402 -1.47 -16.21 -26.93
N ARG A 403 -2.13 -15.83 -28.02
CA ARG A 403 -3.33 -15.03 -27.93
C ARG A 403 -4.45 -15.92 -27.37
N TYR A 404 -5.34 -15.31 -26.59
CA TYR A 404 -6.56 -15.95 -26.13
C TYR A 404 -7.71 -14.98 -26.35
N LYS A 405 -8.64 -15.37 -27.23
CA LYS A 405 -9.67 -14.46 -27.74
C LYS A 405 -10.73 -14.07 -26.69
N TYR A 406 -11.48 -15.05 -26.21
CA TYR A 406 -12.51 -14.83 -25.19
C TYR A 406 -12.09 -15.50 -23.89
N VAL A 407 -12.16 -14.75 -22.79
CA VAL A 407 -11.71 -15.24 -21.47
C VAL A 407 -12.64 -14.81 -20.35
N MET A 408 -13.02 -15.78 -19.52
CA MET A 408 -13.71 -15.51 -18.26
C MET A 408 -12.81 -15.97 -17.12
N SER A 409 -12.59 -15.08 -16.15
CA SER A 409 -11.76 -15.45 -15.01
C SER A 409 -12.57 -15.59 -13.74
N PHE A 410 -12.06 -16.39 -12.81
CA PHE A 410 -12.72 -16.60 -11.52
C PHE A 410 -11.63 -16.67 -10.45
N ASP A 411 -11.90 -16.16 -9.25
CA ASP A 411 -10.99 -16.40 -8.12
C ASP A 411 -11.70 -16.39 -6.77
N LEU A 412 -11.08 -16.99 -5.77
CA LEU A 412 -11.66 -17.08 -4.43
C LEU A 412 -11.74 -15.71 -3.73
N THR A 413 -12.88 -15.46 -3.10
CA THR A 413 -13.01 -14.33 -2.19
C THR A 413 -12.10 -14.58 -0.99
N SER A 414 -11.22 -13.63 -0.71
CA SER A 414 -10.30 -13.72 0.45
C SER A 414 -9.80 -15.14 0.67
N ALA A 415 -9.00 -15.62 -0.29
CA ALA A 415 -8.60 -17.01 -0.37
C ALA A 415 -8.01 -17.57 0.93
N TYR A 416 -6.92 -16.97 1.40
CA TYR A 416 -6.23 -17.56 2.57
C TYR A 416 -7.03 -17.44 3.87
N PRO A 417 -7.67 -16.27 4.13
CA PRO A 417 -8.56 -16.15 5.28
C PRO A 417 -9.73 -17.12 5.20
N SER A 418 -10.29 -17.34 4.00
CA SER A 418 -11.38 -18.30 3.87
C SER A 418 -10.91 -19.74 4.15
N ILE A 419 -9.69 -20.05 3.76
CA ILE A 419 -9.08 -21.38 4.04
C ILE A 419 -8.94 -21.61 5.55
N ILE A 420 -8.43 -20.60 6.25
CA ILE A 420 -8.29 -20.65 7.72
C ILE A 420 -9.63 -20.94 8.39
N ARG A 421 -10.66 -20.25 7.92
CA ARG A 421 -12.01 -20.37 8.45
C ARG A 421 -12.62 -21.73 8.11
N GLN A 422 -12.46 -22.15 6.87
CA GLN A 422 -13.05 -23.40 6.39
C GLN A 422 -12.42 -24.59 7.12
N VAL A 423 -11.10 -24.61 7.19
CA VAL A 423 -10.34 -25.72 7.80
C VAL A 423 -10.32 -25.65 9.32
N ASN A 424 -10.51 -24.44 9.85
CA ASN A 424 -10.44 -24.13 11.29
C ASN A 424 -9.01 -24.13 11.81
N ILE A 425 -8.15 -23.44 11.08
CA ILE A 425 -6.71 -23.39 11.38
C ILE A 425 -6.39 -22.39 12.49
N SER A 426 -5.81 -22.87 13.59
CA SER A 426 -5.60 -22.02 14.76
C SER A 426 -4.59 -22.75 15.64
N PRO A 427 -3.82 -22.02 16.47
CA PRO A 427 -2.87 -22.66 17.36
C PRO A 427 -3.52 -23.73 18.25
N GLU A 428 -4.74 -23.44 18.72
CA GLU A 428 -5.36 -24.28 19.73
C GLU A 428 -6.34 -25.33 19.17
N THR A 429 -6.47 -25.37 17.84
CA THR A 429 -7.39 -26.33 17.22
C THR A 429 -6.69 -27.49 16.54
N ILE A 430 -5.37 -27.61 16.74
CA ILE A 430 -4.59 -28.69 16.16
C ILE A 430 -5.01 -29.97 16.89
N ALA A 431 -5.39 -30.98 16.10
CA ALA A 431 -5.95 -32.23 16.60
C ALA A 431 -4.98 -33.38 16.38
N GLY A 432 -4.03 -33.19 15.47
CA GLY A 432 -3.09 -34.25 15.13
C GLY A 432 -2.71 -34.21 13.66
N THR A 433 -2.22 -35.34 13.18
CA THR A 433 -1.74 -35.45 11.82
C THR A 433 -2.27 -36.74 11.19
N PHE A 434 -2.27 -36.78 9.87
CA PHE A 434 -2.59 -38.00 9.14
C PHE A 434 -1.50 -38.24 8.12
N LYS A 435 -1.48 -39.46 7.59
CA LYS A 435 -0.46 -39.87 6.63
C LYS A 435 -0.74 -39.32 5.23
N VAL A 436 0.14 -38.43 4.76
CA VAL A 436 -0.10 -37.70 3.52
C VAL A 436 0.27 -38.50 2.27
N ALA A 437 -0.60 -38.42 1.28
CA ALA A 437 -0.34 -38.97 -0.04
C ALA A 437 0.13 -37.82 -0.92
N PRO A 438 0.79 -38.13 -2.06
CA PRO A 438 1.17 -37.04 -2.96
C PRO A 438 0.00 -36.10 -3.23
N LEU A 439 0.31 -34.81 -3.35
CA LEU A 439 -0.74 -33.81 -3.55
C LEU A 439 -1.68 -34.16 -4.70
N HIS A 440 -1.13 -34.62 -5.83
CA HIS A 440 -1.95 -34.95 -6.99
C HIS A 440 -3.00 -36.03 -6.74
N ASP A 441 -2.74 -36.90 -5.77
CA ASP A 441 -3.70 -37.91 -5.35
C ASP A 441 -4.95 -37.29 -4.72
N TYR A 442 -4.78 -36.17 -4.01
CA TYR A 442 -5.94 -35.44 -3.47
C TYR A 442 -6.65 -34.65 -4.56
N ILE A 443 -5.87 -34.02 -5.43
CA ILE A 443 -6.40 -33.22 -6.54
C ILE A 443 -7.32 -34.07 -7.41
N ASN A 444 -6.94 -35.32 -7.62
CA ASN A 444 -7.71 -36.25 -8.44
C ASN A 444 -8.65 -37.15 -7.64
N ALA A 445 -8.78 -36.86 -6.34
CA ALA A 445 -9.72 -37.55 -5.47
C ALA A 445 -9.52 -39.07 -5.43
N VAL A 446 -8.26 -39.50 -5.54
CA VAL A 446 -7.95 -40.94 -5.45
C VAL A 446 -7.35 -41.33 -4.11
N ALA A 447 -6.85 -40.34 -3.37
CA ALA A 447 -6.28 -40.62 -2.06
C ALA A 447 -7.37 -40.98 -1.06
N GLU A 448 -7.01 -41.86 -0.11
CA GLU A 448 -7.87 -42.17 1.03
C GLU A 448 -8.28 -40.89 1.75
N ARG A 449 -9.55 -40.81 2.13
CA ARG A 449 -10.07 -39.69 2.92
C ARG A 449 -9.23 -39.55 4.19
N PRO A 450 -8.65 -38.35 4.42
CA PRO A 450 -7.72 -38.13 5.54
C PRO A 450 -8.32 -38.41 6.92
N SER A 451 -9.55 -37.97 7.18
CA SER A 451 -10.16 -38.14 8.51
C SER A 451 -11.68 -38.25 8.46
N ASP A 452 -12.23 -39.08 9.34
CA ASP A 452 -13.68 -39.12 9.57
C ASP A 452 -14.07 -38.41 10.86
N VAL A 453 -13.13 -37.69 11.45
CA VAL A 453 -13.39 -37.00 12.71
C VAL A 453 -13.03 -35.53 12.64
N TYR A 454 -11.88 -35.23 12.05
CA TYR A 454 -11.34 -33.88 12.09
C TYR A 454 -11.29 -33.24 10.72
N SER A 455 -11.13 -31.91 10.72
CA SER A 455 -11.04 -31.10 9.51
C SER A 455 -9.60 -31.02 9.02
N CYS A 456 -9.38 -31.36 7.75
CA CYS A 456 -8.03 -31.60 7.23
C CYS A 456 -7.52 -30.66 6.13
N SER A 457 -6.21 -30.50 6.14
CA SER A 457 -5.48 -29.92 5.02
C SER A 457 -4.53 -30.96 4.44
N PRO A 458 -4.34 -30.97 3.10
CA PRO A 458 -3.49 -31.96 2.43
C PRO A 458 -1.99 -31.91 2.80
N ASN A 459 -1.59 -31.01 3.71
CA ASN A 459 -0.22 -31.04 4.25
C ASN A 459 -0.07 -32.07 5.38
N GLY A 460 -1.18 -32.72 5.77
CA GLY A 460 -1.16 -33.70 6.87
C GLY A 460 -1.78 -33.24 8.18
N MET A 461 -2.21 -32.00 8.27
CA MET A 461 -2.72 -31.47 9.54
C MET A 461 -4.21 -31.74 9.71
N MET A 462 -4.60 -32.02 10.95
CA MET A 462 -6.02 -32.21 11.31
C MET A 462 -6.43 -31.21 12.39
N TYR A 463 -7.65 -30.67 12.29
CA TYR A 463 -8.16 -29.67 13.23
C TYR A 463 -9.50 -30.04 13.85
N TYR A 464 -9.75 -29.57 15.09
CA TYR A 464 -11.03 -29.81 15.76
C TYR A 464 -12.18 -29.19 15.00
N LYS A 465 -13.35 -29.84 15.07
CA LYS A 465 -14.54 -29.32 14.43
C LYS A 465 -15.61 -28.87 15.42
N ASP A 466 -15.33 -28.99 16.71
CA ASP A 466 -16.36 -28.78 17.72
C ASP A 466 -16.56 -27.31 18.06
N ARG A 467 -15.54 -26.49 17.81
CA ARG A 467 -15.55 -25.08 18.16
C ARG A 467 -14.57 -24.33 17.28
N ASP A 468 -14.90 -23.09 16.94
CA ASP A 468 -14.00 -22.23 16.15
C ASP A 468 -12.76 -21.87 16.94
N GLY A 469 -11.62 -21.86 16.26
CA GLY A 469 -10.40 -21.32 16.83
C GLY A 469 -10.46 -19.81 16.92
N VAL A 470 -9.64 -19.25 17.81
CA VAL A 470 -9.54 -17.80 17.95
C VAL A 470 -9.05 -17.14 16.65
N VAL A 471 -8.14 -17.79 15.93
CA VAL A 471 -7.72 -17.23 14.63
C VAL A 471 -8.88 -17.15 13.62
N PRO A 472 -9.60 -18.27 13.37
CA PRO A 472 -10.81 -18.16 12.55
C PRO A 472 -11.84 -17.15 13.08
N THR A 473 -12.11 -17.13 14.39
CA THR A 473 -13.08 -16.17 14.93
C THR A 473 -12.68 -14.72 14.65
N GLU A 474 -11.42 -14.37 14.95
CA GLU A 474 -10.98 -12.98 14.77
C GLU A 474 -10.78 -12.57 13.32
N ILE A 475 -10.29 -13.48 12.49
CA ILE A 475 -10.12 -13.19 11.06
C ILE A 475 -11.49 -12.92 10.38
N THR A 476 -12.54 -13.60 10.85
CA THR A 476 -13.89 -13.46 10.30
C THR A 476 -14.45 -12.06 10.54
N LYS A 477 -14.17 -11.54 11.73
CA LYS A 477 -14.60 -10.21 12.13
C LYS A 477 -14.01 -9.13 11.21
N VAL A 478 -12.70 -9.18 10.99
CA VAL A 478 -12.07 -8.22 10.05
C VAL A 478 -12.49 -8.49 8.60
N PHE A 479 -12.61 -9.77 8.22
CA PHE A 479 -13.17 -10.10 6.90
C PHE A 479 -14.54 -9.44 6.65
N ASN A 480 -15.44 -9.54 7.64
CA ASN A 480 -16.77 -8.92 7.51
C ASN A 480 -16.71 -7.41 7.31
N GLN A 481 -15.85 -6.73 8.06
CA GLN A 481 -15.58 -5.30 7.83
C GLN A 481 -15.10 -5.04 6.41
N ARG A 482 -14.12 -5.83 5.95
CA ARG A 482 -13.58 -5.72 4.58
C ARG A 482 -14.70 -5.80 3.54
N LYS A 483 -15.56 -6.81 3.69
CA LYS A 483 -16.66 -7.06 2.76
C LYS A 483 -17.61 -5.87 2.66
N GLU A 484 -17.93 -5.27 3.81
CA GLU A 484 -18.81 -4.10 3.85
C GLU A 484 -18.23 -2.93 3.05
N HIS A 485 -16.95 -2.65 3.28
CA HIS A 485 -16.30 -1.54 2.58
C HIS A 485 -16.11 -1.81 1.10
N LYS A 486 -15.85 -3.07 0.74
CA LYS A 486 -15.71 -3.43 -0.67
C LYS A 486 -17.04 -3.22 -1.40
N GLY A 487 -18.15 -3.46 -0.71
CA GLY A 487 -19.48 -3.24 -1.25
C GLY A 487 -19.68 -1.78 -1.60
N TYR A 488 -19.28 -0.89 -0.69
CA TYR A 488 -19.32 0.55 -0.93
C TYR A 488 -18.43 0.95 -2.10
N MET A 489 -17.23 0.37 -2.17
CA MET A 489 -16.26 0.68 -3.22
C MET A 489 -16.81 0.33 -4.60
N LEU A 490 -17.38 -0.87 -4.73
CA LEU A 490 -17.93 -1.33 -6.01
C LEU A 490 -19.20 -0.57 -6.42
N ALA A 491 -20.05 -0.23 -5.46
CA ALA A 491 -21.21 0.64 -5.80
C ALA A 491 -20.75 1.99 -6.35
N ALA A 492 -19.72 2.56 -5.73
CA ALA A 492 -19.21 3.88 -6.18
C ALA A 492 -18.64 3.78 -7.60
N GLN A 493 -17.98 2.66 -7.86
CA GLN A 493 -17.44 2.34 -9.16
C GLN A 493 -18.55 2.16 -10.21
N ARG A 494 -19.58 1.38 -9.88
CA ARG A 494 -20.71 1.22 -10.80
C ARG A 494 -21.41 2.57 -11.04
N ASN A 495 -21.56 3.35 -9.97
CA ASN A 495 -22.17 4.68 -10.03
C ASN A 495 -21.38 5.59 -10.97
N GLY A 496 -20.06 5.47 -10.88
CA GLY A 496 -19.11 6.18 -11.76
C GLY A 496 -19.34 5.87 -13.22
N GLU A 497 -19.56 4.59 -13.53
CA GLU A 497 -19.85 4.18 -14.90
C GLU A 497 -21.17 4.75 -15.45
N ILE A 498 -22.18 4.90 -14.58
CA ILE A 498 -23.45 5.51 -14.98
C ILE A 498 -23.22 6.95 -15.44
N ILE A 499 -22.42 7.68 -14.67
CA ILE A 499 -22.10 9.08 -14.96
C ILE A 499 -21.32 9.22 -16.28
N LYS A 500 -20.32 8.36 -16.47
CA LYS A 500 -19.55 8.32 -17.71
C LYS A 500 -20.44 8.12 -18.94
N GLU A 501 -21.42 7.22 -18.84
CA GLU A 501 -22.39 7.01 -19.91
C GLU A 501 -23.18 8.28 -20.19
N ALA A 502 -23.71 8.89 -19.12
CA ALA A 502 -24.48 10.13 -19.22
C ALA A 502 -23.68 11.26 -19.84
N LEU A 503 -22.38 11.29 -19.57
CA LEU A 503 -21.48 12.28 -20.16
C LEU A 503 -21.41 12.26 -21.69
N HIS A 504 -21.97 11.24 -22.33
CA HIS A 504 -22.03 11.19 -23.79
C HIS A 504 -23.06 12.19 -24.31
N ASN A 505 -24.08 12.47 -23.49
CA ASN A 505 -25.15 13.40 -23.86
C ASN A 505 -25.44 14.44 -22.78
N PRO A 506 -24.48 15.35 -22.51
CA PRO A 506 -24.71 16.37 -21.49
C PRO A 506 -25.70 17.44 -21.95
N ASN A 507 -26.57 17.87 -21.05
CA ASN A 507 -27.58 18.87 -21.39
C ASN A 507 -27.01 20.27 -21.34
N LEU A 508 -27.53 21.14 -22.20
CA LEU A 508 -27.10 22.53 -22.23
C LEU A 508 -27.94 23.33 -21.25
N SER A 509 -27.56 23.24 -19.97
CA SER A 509 -28.28 23.95 -18.90
C SER A 509 -27.33 24.38 -17.79
N VAL A 510 -27.85 25.21 -16.89
CA VAL A 510 -27.12 25.58 -15.67
C VAL A 510 -27.83 24.92 -14.50
N ASP A 511 -27.12 24.01 -13.84
CA ASP A 511 -27.70 23.20 -12.78
C ASP A 511 -26.61 22.80 -11.77
N GLU A 512 -26.98 21.97 -10.81
CA GLU A 512 -26.08 21.58 -9.72
C GLU A 512 -25.89 20.07 -9.66
N PRO A 513 -24.73 19.60 -9.15
CA PRO A 513 -24.60 18.16 -8.93
C PRO A 513 -25.63 17.69 -7.91
N LEU A 514 -26.10 16.45 -8.05
CA LEU A 514 -27.12 15.89 -7.16
C LEU A 514 -26.50 15.49 -5.83
N ASP A 515 -27.20 15.80 -4.74
CA ASP A 515 -26.73 15.40 -3.41
C ASP A 515 -27.09 13.93 -3.16
N VAL A 516 -26.10 13.04 -3.32
CA VAL A 516 -26.37 11.61 -3.25
C VAL A 516 -25.29 10.89 -2.43
N ASP A 517 -25.59 9.68 -2.01
CA ASP A 517 -24.60 8.82 -1.33
C ASP A 517 -24.04 7.80 -2.35
N TYR A 518 -22.82 8.07 -2.83
CA TYR A 518 -22.21 7.29 -3.90
C TYR A 518 -21.86 5.85 -3.48
N ARG A 519 -21.97 5.57 -2.17
CA ARG A 519 -21.69 4.22 -1.66
C ARG A 519 -22.82 3.22 -1.94
N PHE A 520 -23.93 3.72 -2.49
CA PHE A 520 -25.10 2.89 -2.77
C PHE A 520 -25.53 3.07 -4.23
N ASP A 521 -25.90 1.97 -4.89
CA ASP A 521 -26.26 2.02 -6.31
C ASP A 521 -27.36 3.05 -6.53
N PHE A 522 -27.17 3.91 -7.54
CA PHE A 522 -28.15 4.95 -7.85
C PHE A 522 -29.52 4.34 -8.12
N SER A 523 -30.54 4.93 -7.50
CA SER A 523 -31.92 4.57 -7.75
C SER A 523 -32.34 5.01 -9.15
N ASP A 524 -33.44 4.46 -9.64
CA ASP A 524 -34.02 4.87 -10.93
C ASP A 524 -34.24 6.38 -11.03
N GLU A 525 -34.74 6.99 -9.96
CA GLU A 525 -34.97 8.45 -9.91
C GLU A 525 -33.67 9.22 -10.08
N ILE A 526 -32.61 8.76 -9.40
CA ILE A 526 -31.32 9.41 -9.51
C ILE A 526 -30.79 9.30 -10.95
N LYS A 527 -31.03 8.17 -11.59
CA LYS A 527 -30.55 7.94 -12.97
C LYS A 527 -31.25 8.86 -13.96
N GLU A 528 -32.55 9.07 -13.78
CA GLU A 528 -33.30 9.95 -14.68
C GLU A 528 -32.81 11.38 -14.59
N LYS A 529 -32.58 11.86 -13.36
CA LYS A 529 -32.07 13.21 -13.13
C LYS A 529 -30.67 13.43 -13.75
N ILE A 530 -29.84 12.40 -13.64
CA ILE A 530 -28.49 12.40 -14.22
C ILE A 530 -28.50 12.62 -15.74
N LYS A 531 -29.44 11.98 -16.43
CA LYS A 531 -29.59 12.11 -17.88
C LYS A 531 -30.04 13.51 -18.34
N LYS A 532 -30.35 14.37 -17.38
CA LYS A 532 -30.76 15.73 -17.70
C LYS A 532 -29.72 16.76 -17.24
N LEU A 533 -28.63 16.28 -16.65
CA LEU A 533 -27.62 17.18 -16.11
C LEU A 533 -26.63 17.70 -17.16
N SER A 534 -26.06 18.87 -16.86
CA SER A 534 -24.97 19.45 -17.64
C SER A 534 -23.67 18.69 -17.43
N ALA A 535 -22.72 18.91 -18.35
CA ALA A 535 -21.38 18.34 -18.26
C ALA A 535 -20.65 18.77 -16.99
N LYS A 536 -20.77 20.05 -16.64
CA LYS A 536 -20.17 20.59 -15.42
C LYS A 536 -20.62 19.79 -14.19
N SER A 537 -21.94 19.68 -14.01
CA SER A 537 -22.50 18.92 -12.89
C SER A 537 -22.12 17.43 -12.93
N LEU A 538 -22.14 16.83 -14.12
CA LEU A 538 -21.79 15.41 -14.28
C LEU A 538 -20.34 15.14 -13.92
N ASN A 539 -19.46 16.01 -14.41
CA ASN A 539 -18.04 15.97 -14.07
C ASN A 539 -17.80 16.11 -12.58
N GLU A 540 -18.55 17.01 -11.93
CA GLU A 540 -18.41 17.15 -10.48
C GLU A 540 -18.89 15.89 -9.76
N MET A 541 -19.97 15.29 -10.25
CA MET A 541 -20.48 14.04 -9.70
C MET A 541 -19.51 12.87 -9.92
N LEU A 542 -18.88 12.84 -11.09
CA LEU A 542 -17.92 11.82 -11.41
C LEU A 542 -16.73 11.90 -10.45
N PHE A 543 -16.22 13.12 -10.23
CA PHE A 543 -15.13 13.35 -9.29
C PHE A 543 -15.50 12.86 -7.90
N ARG A 544 -16.71 13.19 -7.46
CA ARG A 544 -17.22 12.78 -6.15
C ARG A 544 -17.39 11.26 -6.03
N ALA A 545 -17.93 10.63 -7.07
CA ALA A 545 -18.04 9.18 -7.16
C ALA A 545 -16.67 8.50 -7.02
N GLN A 546 -15.69 9.01 -7.76
CA GLN A 546 -14.33 8.44 -7.76
C GLN A 546 -13.62 8.64 -6.43
N ARG A 547 -13.87 9.79 -5.78
CA ARG A 547 -13.38 9.99 -4.41
C ARG A 547 -13.99 9.00 -3.42
N THR A 548 -15.30 8.78 -3.55
CA THR A 548 -15.99 7.76 -2.75
C THR A 548 -15.42 6.36 -3.03
N GLU A 549 -15.18 6.05 -4.30
CA GLU A 549 -14.52 4.77 -4.64
C GLU A 549 -13.14 4.61 -3.99
N VAL A 550 -12.33 5.67 -4.07
CA VAL A 550 -11.02 5.70 -3.42
C VAL A 550 -11.13 5.48 -1.91
N ALA A 551 -12.07 6.18 -1.27
CA ALA A 551 -12.32 5.98 0.17
C ALA A 551 -12.62 4.50 0.48
N GLY A 552 -13.53 3.89 -0.28
CA GLY A 552 -13.86 2.47 -0.12
C GLY A 552 -12.68 1.53 -0.37
N MET A 553 -11.90 1.84 -1.40
CA MET A 553 -10.68 1.11 -1.73
C MET A 553 -9.72 1.10 -0.55
N THR A 554 -9.43 2.28 0.00
CA THR A 554 -8.52 2.37 1.16
C THR A 554 -9.01 1.46 2.28
N ALA A 555 -10.29 1.58 2.62
CA ALA A 555 -10.87 0.83 3.73
C ALA A 555 -10.87 -0.69 3.52
N GLN A 556 -11.23 -1.12 2.31
CA GLN A 556 -11.33 -2.54 2.00
C GLN A 556 -9.97 -3.20 1.76
N ILE A 557 -9.11 -2.57 0.98
CA ILE A 557 -7.86 -3.22 0.58
C ILE A 557 -6.90 -3.40 1.75
N ASN A 558 -6.94 -2.48 2.71
CA ASN A 558 -6.02 -2.61 3.86
C ASN A 558 -6.54 -3.56 4.92
N ARG A 559 -7.84 -3.74 4.95
CA ARG A 559 -8.48 -4.78 5.76
C ARG A 559 -8.20 -6.15 5.15
N LYS A 560 -8.27 -6.25 3.82
CA LYS A 560 -7.75 -7.43 3.09
C LYS A 560 -6.28 -7.71 3.44
N ALA A 561 -5.45 -6.67 3.46
CA ALA A 561 -4.03 -6.83 3.73
C ALA A 561 -3.78 -7.32 5.17
N LEU A 562 -4.58 -6.83 6.11
CA LEU A 562 -4.48 -7.25 7.50
C LEU A 562 -4.82 -8.74 7.68
N ILE A 563 -5.92 -9.18 7.08
CA ILE A 563 -6.30 -10.58 7.19
C ILE A 563 -5.34 -11.49 6.44
N ASN A 564 -4.89 -11.08 5.25
CA ASN A 564 -3.86 -11.85 4.55
C ASN A 564 -2.52 -11.89 5.33
N GLY A 565 -2.22 -10.81 6.06
CA GLY A 565 -1.04 -10.69 6.92
C GLY A 565 -1.09 -11.65 8.11
N LEU A 566 -2.29 -11.96 8.57
CA LEU A 566 -2.43 -12.99 9.62
C LEU A 566 -2.01 -14.38 9.12
N ALA A 567 -2.44 -14.75 7.91
CA ALA A 567 -1.99 -16.01 7.28
C ALA A 567 -0.48 -15.98 7.08
N GLY A 568 0.04 -14.83 6.69
CA GLY A 568 1.49 -14.60 6.60
C GLY A 568 2.22 -14.66 7.95
N ALA A 569 1.60 -14.09 8.98
CA ALA A 569 2.24 -13.97 10.30
C ALA A 569 2.49 -15.34 10.93
N LEU A 570 1.66 -16.32 10.56
CA LEU A 570 1.84 -17.70 11.04
C LEU A 570 3.19 -18.29 10.62
N GLY A 571 3.79 -17.65 9.60
CA GLY A 571 5.09 -18.01 9.08
C GLY A 571 6.19 -16.99 9.41
N ASN A 572 5.89 -16.04 10.29
CA ASN A 572 6.92 -15.15 10.84
C ASN A 572 7.38 -15.58 12.25
N VAL A 573 8.69 -15.72 12.44
CA VAL A 573 9.23 -16.29 13.70
C VAL A 573 9.02 -15.43 14.95
N TRP A 574 8.65 -14.15 14.76
CA TRP A 574 8.40 -13.26 15.89
C TRP A 574 6.94 -13.22 16.35
N PHE A 575 6.05 -13.81 15.54
CA PHE A 575 4.64 -13.92 15.89
C PHE A 575 4.46 -14.91 17.04
N ARG A 576 3.67 -14.51 18.03
CA ARG A 576 3.38 -15.35 19.20
C ARG A 576 2.83 -16.71 18.80
N TYR A 577 2.09 -16.75 17.68
CA TYR A 577 1.45 -18.00 17.22
C TYR A 577 2.13 -18.57 15.97
N TYR A 578 3.43 -18.30 15.83
CA TYR A 578 4.20 -18.85 14.73
C TYR A 578 4.10 -20.36 14.75
N ASP A 579 3.74 -20.94 13.61
CA ASP A 579 3.67 -22.39 13.47
C ASP A 579 3.72 -22.73 12.00
N LEU A 580 4.83 -23.31 11.56
CA LEU A 580 4.97 -23.69 10.15
C LEU A 580 3.95 -24.74 9.70
N ARG A 581 3.45 -25.55 10.63
CA ARG A 581 2.39 -26.51 10.34
C ARG A 581 1.11 -25.80 9.90
N ASN A 582 0.78 -24.70 10.59
CA ASN A 582 -0.39 -23.92 10.25
C ASN A 582 -0.16 -23.07 9.00
N ALA A 583 1.01 -22.44 8.89
CA ALA A 583 1.33 -21.60 7.72
C ALA A 583 1.26 -22.47 6.46
N THR A 584 1.80 -23.69 6.57
CA THR A 584 1.83 -24.61 5.43
C THR A 584 0.46 -25.28 5.18
N ALA A 585 -0.35 -25.46 6.22
CA ALA A 585 -1.68 -26.03 6.05
C ALA A 585 -2.49 -25.15 5.11
N ILE A 586 -2.32 -23.85 5.28
CA ILE A 586 -3.03 -22.87 4.45
C ILE A 586 -2.59 -22.97 3.00
N THR A 587 -1.28 -22.85 2.75
CA THR A 587 -0.73 -22.78 1.39
C THR A 587 -0.93 -24.08 0.62
N THR A 588 -0.78 -25.22 1.30
CA THR A 588 -0.96 -26.52 0.66
C THR A 588 -2.44 -26.78 0.28
N PHE A 589 -3.37 -26.42 1.19
CA PHE A 589 -4.79 -26.49 0.89
C PHE A 589 -5.10 -25.62 -0.32
N GLY A 590 -4.47 -24.45 -0.38
CA GLY A 590 -4.65 -23.52 -1.52
C GLY A 590 -4.21 -24.17 -2.83
N GLN A 591 -3.06 -24.85 -2.80
CA GLN A 591 -2.56 -25.56 -3.99
C GLN A 591 -3.56 -26.60 -4.49
N MET A 592 -4.06 -27.39 -3.55
CA MET A 592 -5.07 -28.40 -3.83
C MET A 592 -6.34 -27.77 -4.39
N ALA A 593 -6.85 -26.74 -3.71
CA ALA A 593 -8.11 -26.08 -4.13
C ALA A 593 -8.08 -25.63 -5.58
N LEU A 594 -7.00 -24.96 -5.97
CA LEU A 594 -6.85 -24.47 -7.34
C LEU A 594 -6.83 -25.62 -8.36
N GLN A 595 -5.99 -26.62 -8.12
CA GLN A 595 -5.84 -27.73 -9.05
C GLN A 595 -7.06 -28.65 -9.08
N TRP A 596 -7.75 -28.76 -7.94
CA TRP A 596 -9.01 -29.48 -7.84
C TRP A 596 -10.07 -28.81 -8.71
N ILE A 597 -10.20 -27.50 -8.58
CA ILE A 597 -11.24 -26.78 -9.31
C ILE A 597 -10.92 -26.64 -10.80
N GLU A 598 -9.64 -26.58 -11.16
CA GLU A 598 -9.24 -26.63 -12.56
C GLU A 598 -9.76 -27.93 -13.19
N ARG A 599 -9.55 -29.05 -12.49
CA ARG A 599 -10.06 -30.34 -12.94
C ARG A 599 -11.57 -30.35 -13.08
N LYS A 600 -12.27 -29.81 -12.08
CA LYS A 600 -13.74 -29.77 -12.08
C LYS A 600 -14.31 -28.90 -13.21
N VAL A 601 -13.67 -27.76 -13.45
CA VAL A 601 -14.11 -26.85 -14.51
C VAL A 601 -13.87 -27.47 -15.90
N ASN A 602 -12.70 -28.07 -16.09
CA ASN A 602 -12.41 -28.80 -17.32
C ASN A 602 -13.43 -29.91 -17.58
N GLU A 603 -13.75 -30.68 -16.53
CA GLU A 603 -14.72 -31.77 -16.66
C GLU A 603 -16.10 -31.22 -17.03
N TYR A 604 -16.53 -30.16 -16.36
CA TYR A 604 -17.83 -29.55 -16.60
C TYR A 604 -17.95 -29.05 -18.04
N LEU A 605 -16.95 -28.31 -18.52
CA LEU A 605 -17.01 -27.73 -19.85
C LEU A 605 -16.84 -28.75 -20.98
N ASN A 606 -15.99 -29.76 -20.76
CA ASN A 606 -15.88 -30.86 -21.71
C ASN A 606 -17.21 -31.61 -21.86
N GLU A 607 -17.98 -31.64 -20.78
CA GLU A 607 -19.31 -32.23 -20.76
C GLU A 607 -20.30 -31.42 -21.58
N VAL A 608 -20.41 -30.12 -21.30
CA VAL A 608 -21.37 -29.26 -22.02
C VAL A 608 -20.97 -28.95 -23.48
N CYS A 609 -19.73 -29.26 -23.84
CA CYS A 609 -19.27 -29.14 -25.22
C CYS A 609 -19.16 -30.49 -25.94
N GLY A 610 -19.31 -31.57 -25.18
CA GLY A 610 -19.25 -32.91 -25.73
C GLY A 610 -17.88 -33.30 -26.25
N THR A 611 -16.83 -32.82 -25.58
CA THR A 611 -15.47 -33.18 -25.92
C THR A 611 -14.82 -34.02 -24.81
N GLU A 612 -13.55 -34.36 -24.99
CA GLU A 612 -12.80 -35.13 -24.00
C GLU A 612 -11.34 -34.71 -23.99
N GLY A 613 -10.81 -34.45 -22.79
CA GLY A 613 -9.40 -34.12 -22.63
C GLY A 613 -8.99 -32.71 -23.04
N GLU A 614 -9.97 -31.90 -23.43
CA GLU A 614 -9.71 -30.50 -23.79
C GLU A 614 -9.46 -29.60 -22.58
N ALA A 615 -8.45 -28.74 -22.67
CA ALA A 615 -8.09 -27.83 -21.59
C ALA A 615 -8.79 -26.47 -21.72
N PHE A 616 -9.86 -26.26 -20.95
CA PHE A 616 -10.56 -24.98 -20.94
C PHE A 616 -9.87 -23.98 -20.01
N VAL A 617 -9.34 -24.48 -18.91
CA VAL A 617 -8.58 -23.62 -17.99
C VAL A 617 -7.19 -23.43 -18.59
N LEU A 618 -6.87 -22.21 -18.99
CA LEU A 618 -5.61 -21.92 -19.67
C LEU A 618 -4.53 -21.44 -18.72
N TYR A 619 -4.96 -21.00 -17.54
CA TYR A 619 -4.05 -20.40 -16.57
C TYR A 619 -4.69 -20.29 -15.20
N GLY A 620 -3.84 -20.16 -14.18
CA GLY A 620 -4.29 -19.93 -12.82
C GLY A 620 -3.10 -19.58 -11.94
N ASP A 621 -3.35 -18.75 -10.93
CA ASP A 621 -2.31 -18.28 -10.03
C ASP A 621 -2.90 -18.23 -8.63
N THR A 622 -2.49 -19.16 -7.78
CA THR A 622 -2.85 -19.20 -6.34
C THR A 622 -4.30 -19.61 -6.04
N ASP A 623 -5.26 -18.85 -6.55
CA ASP A 623 -6.66 -19.03 -6.21
C ASP A 623 -7.57 -18.62 -7.37
N SER A 624 -6.99 -18.52 -8.57
CA SER A 624 -7.69 -18.01 -9.73
C SER A 624 -7.62 -18.98 -10.90
N ILE A 625 -8.65 -18.94 -11.76
CA ILE A 625 -8.62 -19.67 -13.02
C ILE A 625 -9.04 -18.75 -14.17
N TYR A 626 -8.42 -18.95 -15.32
CA TYR A 626 -8.78 -18.24 -16.55
C TYR A 626 -9.29 -19.25 -17.57
N VAL A 627 -10.55 -19.06 -17.96
CA VAL A 627 -11.24 -20.04 -18.76
C VAL A 627 -11.42 -19.51 -20.16
N SER A 628 -10.98 -20.29 -21.15
CA SER A 628 -11.20 -19.96 -22.55
C SER A 628 -12.69 -20.12 -22.88
N ALA A 629 -13.30 -19.05 -23.38
CA ALA A 629 -14.73 -19.07 -23.70
C ALA A 629 -15.03 -19.11 -25.20
N ASP A 630 -13.99 -19.29 -26.02
CA ASP A 630 -14.14 -19.33 -27.47
C ASP A 630 -15.24 -20.30 -27.91
N LYS A 631 -15.23 -21.51 -27.34
CA LYS A 631 -16.18 -22.54 -27.73
C LYS A 631 -17.63 -22.21 -27.34
N ILE A 632 -17.78 -21.47 -26.24
CA ILE A 632 -19.11 -21.03 -25.77
C ILE A 632 -19.69 -20.02 -26.74
N ILE A 633 -18.88 -19.02 -27.09
CA ILE A 633 -19.25 -18.01 -28.09
C ILE A 633 -19.59 -18.69 -29.41
N ASP A 634 -18.70 -19.58 -29.86
CA ASP A 634 -18.84 -20.28 -31.12
C ASP A 634 -20.05 -21.21 -31.18
N LYS A 635 -20.47 -21.73 -30.03
CA LYS A 635 -21.68 -22.56 -29.99
C LYS A 635 -22.93 -21.78 -30.39
N VAL A 636 -23.00 -20.49 -30.05
CA VAL A 636 -24.12 -19.68 -30.53
C VAL A 636 -23.78 -19.06 -31.88
N GLY A 637 -22.51 -18.73 -32.08
CA GLY A 637 -22.04 -18.11 -33.31
C GLY A 637 -22.03 -16.60 -33.19
N GLU A 638 -20.90 -15.98 -33.53
CA GLU A 638 -20.73 -14.53 -33.42
C GLU A 638 -21.83 -13.72 -34.14
N SER A 639 -22.32 -14.26 -35.24
CA SER A 639 -23.35 -13.60 -36.07
C SER A 639 -24.65 -13.33 -35.33
N LYS A 640 -24.93 -14.12 -34.29
CA LYS A 640 -26.16 -14.00 -33.53
C LYS A 640 -26.18 -12.80 -32.58
N PHE A 641 -25.01 -12.22 -32.30
CA PHE A 641 -24.91 -11.10 -31.37
C PHE A 641 -25.11 -9.74 -32.02
N ARG A 642 -25.87 -8.88 -31.34
CA ARG A 642 -26.20 -7.54 -31.85
C ARG A 642 -25.01 -6.59 -31.76
N ASP A 643 -24.27 -6.67 -30.65
CA ASP A 643 -23.12 -5.83 -30.39
C ASP A 643 -22.25 -6.50 -29.33
N THR A 644 -21.16 -5.84 -28.96
CA THR A 644 -20.25 -6.35 -27.93
C THR A 644 -20.95 -6.62 -26.60
N ASN A 645 -21.75 -5.65 -26.14
CA ASN A 645 -22.48 -5.77 -24.88
C ASN A 645 -23.39 -7.00 -24.81
N HIS A 646 -23.90 -7.42 -25.97
CA HIS A 646 -24.76 -8.60 -26.09
C HIS A 646 -24.03 -9.90 -25.71
N TRP A 647 -22.86 -10.15 -26.29
CA TRP A 647 -22.08 -11.36 -25.90
C TRP A 647 -21.50 -11.27 -24.48
N VAL A 648 -21.21 -10.06 -24.01
CA VAL A 648 -20.75 -9.85 -22.63
C VAL A 648 -21.86 -10.28 -21.66
N ASP A 649 -23.09 -9.82 -21.94
CA ASP A 649 -24.29 -10.24 -21.21
C ASP A 649 -24.44 -11.75 -21.20
N PHE A 650 -24.22 -12.36 -22.37
CA PHE A 650 -24.38 -13.79 -22.54
C PHE A 650 -23.35 -14.56 -21.71
N LEU A 651 -22.09 -14.13 -21.78
CA LEU A 651 -21.04 -14.73 -20.95
C LEU A 651 -21.22 -14.47 -19.46
N ASP A 652 -21.71 -13.29 -19.11
CA ASP A 652 -22.02 -12.95 -17.72
C ASP A 652 -23.08 -13.90 -17.17
N LYS A 653 -24.17 -14.08 -17.93
CA LYS A 653 -25.23 -15.02 -17.56
C LYS A 653 -24.71 -16.47 -17.48
N PHE A 654 -23.90 -16.87 -18.47
CA PHE A 654 -23.32 -18.22 -18.46
C PHE A 654 -22.45 -18.46 -17.23
N ALA A 655 -21.62 -17.47 -16.89
CA ALA A 655 -20.75 -17.58 -15.73
C ALA A 655 -21.56 -17.71 -14.44
N ARG A 656 -22.60 -16.88 -14.33
CA ARG A 656 -23.41 -16.83 -13.11
C ARG A 656 -24.38 -18.02 -12.97
N GLU A 657 -24.93 -18.49 -14.09
CA GLU A 657 -26.01 -19.49 -14.03
C GLU A 657 -25.56 -20.93 -14.30
N ARG A 658 -24.40 -21.09 -14.92
CA ARG A 658 -23.90 -22.42 -15.24
C ARG A 658 -22.58 -22.71 -14.54
N MET A 659 -21.60 -21.82 -14.71
CA MET A 659 -20.25 -22.04 -14.19
C MET A 659 -20.14 -22.00 -12.67
N GLU A 660 -20.66 -20.93 -12.08
CA GLU A 660 -20.57 -20.76 -10.63
C GLU A 660 -21.26 -21.88 -9.84
N PRO A 661 -22.47 -22.32 -10.28
CA PRO A 661 -23.06 -23.49 -9.62
C PRO A 661 -22.22 -24.76 -9.75
N ALA A 662 -21.60 -24.96 -10.92
CA ALA A 662 -20.71 -26.10 -11.13
C ALA A 662 -19.48 -26.01 -10.25
N ILE A 663 -18.96 -24.80 -10.12
CA ILE A 663 -17.79 -24.56 -9.29
C ILE A 663 -18.12 -24.83 -7.81
N ASP A 664 -19.28 -24.35 -7.38
CA ASP A 664 -19.71 -24.50 -6.00
C ASP A 664 -19.87 -25.98 -5.65
N ARG A 665 -20.50 -26.75 -6.55
CA ARG A 665 -20.65 -28.20 -6.37
C ARG A 665 -19.30 -28.89 -6.23
N GLY A 666 -18.35 -28.52 -7.09
CA GLY A 666 -16.99 -29.05 -7.03
C GLY A 666 -16.33 -28.76 -5.71
N PHE A 667 -16.49 -27.54 -5.20
CA PHE A 667 -15.90 -27.19 -3.91
C PHE A 667 -16.59 -27.81 -2.70
N ARG A 668 -17.91 -27.95 -2.75
CA ARG A 668 -18.65 -28.61 -1.67
C ARG A 668 -18.16 -30.06 -1.55
N GLU A 669 -17.88 -30.69 -2.68
CA GLU A 669 -17.34 -32.05 -2.66
C GLU A 669 -15.95 -32.09 -2.02
N MET A 670 -15.11 -31.12 -2.35
CA MET A 670 -13.77 -31.01 -1.76
C MET A 670 -13.80 -30.80 -0.23
N CYS A 671 -14.74 -29.97 0.23
CA CYS A 671 -14.95 -29.73 1.66
C CYS A 671 -15.27 -31.03 2.40
N GLU A 672 -16.17 -31.83 1.83
CA GLU A 672 -16.54 -33.12 2.42
C GLU A 672 -15.38 -34.10 2.39
N TYR A 673 -14.65 -34.09 1.28
CA TYR A 673 -13.45 -34.93 1.12
C TYR A 673 -12.43 -34.65 2.23
N MET A 674 -12.18 -33.37 2.48
CA MET A 674 -11.29 -32.92 3.57
C MET A 674 -11.97 -32.84 4.94
N ASN A 675 -13.26 -33.19 5.00
CA ASN A 675 -14.04 -33.12 6.25
C ASN A 675 -13.96 -31.76 6.95
N ASN A 676 -13.96 -30.67 6.17
CA ASN A 676 -13.76 -29.35 6.74
C ASN A 676 -14.94 -28.88 7.56
N LYS A 677 -14.72 -27.84 8.38
CA LYS A 677 -15.73 -27.38 9.31
C LYS A 677 -16.86 -26.69 8.56
N GLN A 678 -16.52 -25.87 7.57
CA GLN A 678 -17.51 -25.07 6.85
C GLN A 678 -17.08 -24.80 5.41
N HIS A 679 -18.00 -24.93 4.45
CA HIS A 679 -17.72 -24.65 3.06
C HIS A 679 -17.63 -23.15 2.85
N LEU A 680 -16.43 -22.68 2.56
CA LEU A 680 -16.20 -21.24 2.40
C LEU A 680 -15.40 -20.88 1.14
N MET A 681 -15.28 -21.82 0.21
CA MET A 681 -14.59 -21.56 -1.04
C MET A 681 -15.59 -20.99 -2.04
N PHE A 682 -15.55 -19.66 -2.22
CA PHE A 682 -16.49 -18.96 -3.11
C PHE A 682 -15.71 -18.30 -4.23
N MET A 683 -15.75 -18.94 -5.39
CA MET A 683 -14.95 -18.54 -6.52
C MET A 683 -15.87 -17.81 -7.50
N ASP A 684 -15.97 -16.50 -7.32
CA ASP A 684 -16.85 -15.67 -8.14
C ASP A 684 -16.15 -15.23 -9.43
N ARG A 685 -16.96 -14.99 -10.46
CA ARG A 685 -16.44 -14.48 -11.73
C ARG A 685 -15.77 -13.12 -11.52
N GLU A 686 -14.57 -12.95 -12.07
CA GLU A 686 -13.87 -11.68 -12.06
C GLU A 686 -14.10 -10.93 -13.39
N ALA A 687 -13.40 -11.34 -14.44
CA ALA A 687 -13.40 -10.60 -15.71
C ALA A 687 -14.11 -11.34 -16.83
N ILE A 688 -14.79 -10.58 -17.68
CA ILE A 688 -15.24 -11.06 -18.99
C ILE A 688 -14.45 -10.25 -20.02
N ALA A 689 -13.70 -10.97 -20.85
CA ALA A 689 -12.74 -10.35 -21.77
C ALA A 689 -12.88 -10.89 -23.18
N GLY A 690 -12.67 -10.00 -24.14
CA GLY A 690 -12.71 -10.36 -25.56
C GLY A 690 -12.50 -9.12 -26.41
N PRO A 691 -12.30 -9.31 -27.72
CA PRO A 691 -12.15 -8.16 -28.63
C PRO A 691 -13.51 -7.51 -28.90
N PRO A 692 -13.51 -6.23 -29.33
CA PRO A 692 -14.77 -5.63 -29.75
C PRO A 692 -15.41 -6.43 -30.88
N LEU A 693 -16.73 -6.61 -30.84
CA LEU A 693 -17.46 -7.36 -31.87
C LEU A 693 -17.15 -6.81 -33.25
N GLY A 694 -16.74 -7.69 -34.18
CA GLY A 694 -16.48 -7.29 -35.56
C GLY A 694 -15.10 -6.74 -35.83
N SER A 695 -14.28 -6.58 -34.78
CA SER A 695 -12.92 -6.05 -34.92
C SER A 695 -11.91 -7.16 -35.23
N LYS A 696 -10.67 -6.75 -35.49
CA LYS A 696 -9.56 -7.71 -35.62
C LYS A 696 -8.69 -7.77 -34.35
N GLY A 697 -9.22 -7.28 -33.22
CA GLY A 697 -8.50 -7.32 -31.94
C GLY A 697 -8.33 -8.77 -31.50
N ILE A 698 -7.26 -9.06 -30.76
CA ILE A 698 -7.01 -10.44 -30.37
C ILE A 698 -7.59 -10.80 -29.00
N GLY A 699 -8.09 -9.79 -28.27
CA GLY A 699 -8.75 -10.03 -26.98
C GLY A 699 -7.80 -10.07 -25.80
N GLY A 700 -6.84 -10.98 -25.83
CA GLY A 700 -5.88 -11.13 -24.75
C GLY A 700 -4.67 -11.93 -25.19
N PHE A 701 -3.63 -11.91 -24.37
CA PHE A 701 -2.47 -12.80 -24.55
C PHE A 701 -1.75 -13.06 -23.23
N TRP A 702 -1.10 -14.23 -23.13
CA TRP A 702 -0.14 -14.57 -22.05
C TRP A 702 1.25 -14.73 -22.67
N THR A 703 2.28 -14.24 -22.00
CA THR A 703 3.65 -14.56 -22.41
C THR A 703 4.23 -15.65 -21.52
N GLY A 704 3.70 -15.76 -20.30
CA GLY A 704 4.24 -16.72 -19.30
C GLY A 704 3.54 -16.51 -17.99
N LYS A 705 4.04 -17.16 -16.94
CA LYS A 705 3.48 -16.97 -15.60
C LYS A 705 3.54 -15.52 -15.17
N LYS A 706 2.44 -15.05 -14.58
CA LYS A 706 2.34 -13.69 -14.02
C LYS A 706 2.60 -12.60 -15.05
N ARG A 707 2.32 -12.91 -16.32
CA ARG A 707 2.51 -11.97 -17.44
C ARG A 707 1.42 -12.11 -18.52
N TYR A 708 0.45 -11.19 -18.51
CA TYR A 708 -0.71 -11.26 -19.42
C TYR A 708 -1.44 -9.93 -19.53
N ALA A 709 -2.27 -9.83 -20.58
CA ALA A 709 -3.11 -8.65 -20.84
C ALA A 709 -4.47 -9.13 -21.35
N LEU A 710 -5.55 -8.50 -20.87
CA LEU A 710 -6.92 -8.80 -21.28
C LEU A 710 -7.68 -7.52 -21.53
N ASN A 711 -8.51 -7.54 -22.57
CA ASN A 711 -9.44 -6.45 -22.83
C ASN A 711 -10.77 -6.76 -22.12
N VAL A 712 -11.00 -6.09 -21.00
CA VAL A 712 -12.11 -6.42 -20.09
C VAL A 712 -13.31 -5.48 -20.26
N TRP A 713 -14.50 -6.06 -20.36
CA TRP A 713 -15.75 -5.30 -20.53
C TRP A 713 -16.56 -5.21 -19.23
N ASP A 714 -16.33 -6.16 -18.33
CA ASP A 714 -17.05 -6.24 -17.07
C ASP A 714 -16.11 -6.87 -16.03
N MET A 715 -15.97 -6.20 -14.88
CA MET A 715 -15.07 -6.63 -13.81
C MET A 715 -15.85 -6.66 -12.51
N GLU A 716 -16.03 -7.86 -11.94
CA GLU A 716 -16.75 -8.05 -10.67
C GLU A 716 -18.11 -7.37 -10.63
N GLY A 717 -18.79 -7.34 -11.78
CA GLY A 717 -20.12 -6.78 -11.86
C GLY A 717 -20.19 -5.32 -12.30
N THR A 718 -19.02 -4.72 -12.53
CA THR A 718 -18.96 -3.36 -13.07
C THR A 718 -18.89 -3.45 -14.59
N ARG A 719 -19.92 -2.92 -15.26
CA ARG A 719 -19.98 -2.93 -16.71
C ARG A 719 -19.46 -1.60 -17.19
N TYR A 720 -18.30 -1.62 -17.84
CA TYR A 720 -17.59 -0.39 -18.16
C TYR A 720 -18.28 0.33 -19.31
N ALA A 721 -18.27 1.66 -19.27
CA ALA A 721 -18.68 2.45 -20.43
C ALA A 721 -17.71 2.20 -21.59
N GLU A 722 -16.43 2.10 -21.27
CA GLU A 722 -15.37 1.80 -22.24
C GLU A 722 -14.55 0.61 -21.73
N PRO A 723 -14.11 -0.29 -22.63
CA PRO A 723 -13.32 -1.45 -22.21
C PRO A 723 -12.05 -1.02 -21.50
N LYS A 724 -11.60 -1.81 -20.53
CA LYS A 724 -10.45 -1.44 -19.75
C LYS A 724 -9.46 -2.60 -19.83
N LEU A 725 -8.18 -2.28 -20.01
CA LEU A 725 -7.15 -3.32 -20.08
C LEU A 725 -6.83 -3.80 -18.68
N LYS A 726 -6.82 -5.11 -18.48
CA LYS A 726 -6.27 -5.69 -17.27
C LYS A 726 -4.92 -6.26 -17.67
N ILE A 727 -3.85 -5.57 -17.27
CA ILE A 727 -2.50 -5.96 -17.61
C ILE A 727 -1.77 -6.29 -16.34
N MET A 728 -1.21 -7.49 -16.28
CA MET A 728 -0.47 -7.92 -15.10
C MET A 728 0.94 -8.30 -15.49
N GLY A 729 1.93 -7.81 -14.71
CA GLY A 729 3.34 -8.24 -14.83
C GLY A 729 4.14 -7.60 -15.96
N LEU A 730 3.49 -7.33 -17.08
CA LEU A 730 4.17 -6.74 -18.24
C LEU A 730 4.76 -5.39 -17.88
N GLU A 731 5.69 -4.92 -18.73
CA GLU A 731 6.50 -3.74 -18.45
C GLU A 731 5.70 -2.43 -18.23
N THR A 732 4.47 -2.39 -18.75
CA THR A 732 3.56 -1.25 -18.51
C THR A 732 3.26 -1.11 -17.03
N GLN A 733 3.42 -2.21 -16.27
CA GLN A 733 3.05 -2.26 -14.85
C GLN A 733 4.23 -2.09 -13.89
N LYS A 734 5.45 -1.95 -14.42
CA LYS A 734 6.65 -1.90 -13.57
C LYS A 734 7.12 -0.46 -13.38
N SER A 735 7.37 -0.07 -12.13
CA SER A 735 7.96 1.25 -11.83
C SER A 735 9.33 1.50 -12.48
N SER A 736 10.04 0.42 -12.81
CA SER A 736 11.36 0.51 -13.45
C SER A 736 11.33 0.93 -14.92
N THR A 737 10.20 0.72 -15.59
CA THR A 737 10.05 1.01 -17.02
C THR A 737 9.83 2.53 -17.21
N PRO A 738 10.52 3.16 -18.19
CA PRO A 738 10.36 4.61 -18.36
C PRO A 738 8.90 4.98 -18.57
N LYS A 739 8.50 6.16 -18.07
CA LYS A 739 7.12 6.64 -18.12
C LYS A 739 6.54 6.68 -19.53
N ALA A 740 7.28 7.27 -20.46
CA ALA A 740 6.84 7.34 -21.86
C ALA A 740 6.79 5.97 -22.51
N VAL A 741 7.65 5.06 -22.05
CA VAL A 741 7.67 3.69 -22.58
C VAL A 741 6.50 2.84 -22.04
N GLN A 742 6.15 3.02 -20.77
CA GLN A 742 4.95 2.40 -20.21
C GLN A 742 3.76 2.80 -21.08
N LYS A 743 3.70 4.09 -21.39
CA LYS A 743 2.61 4.65 -22.15
C LYS A 743 2.54 4.06 -23.57
N ALA A 744 3.67 4.05 -24.28
CA ALA A 744 3.72 3.49 -25.63
C ALA A 744 3.43 2.00 -25.67
N LEU A 745 4.00 1.26 -24.72
CA LEU A 745 3.72 -0.17 -24.63
C LEU A 745 2.22 -0.45 -24.35
N LYS A 746 1.59 0.37 -23.50
CA LYS A 746 0.16 0.22 -23.23
C LYS A 746 -0.68 0.45 -24.49
N GLU A 747 -0.30 1.46 -25.26
CA GLU A 747 -1.01 1.71 -26.53
C GLU A 747 -0.79 0.56 -27.53
N CYS A 748 0.41 -0.02 -27.57
CA CYS A 748 0.65 -1.20 -28.42
C CYS A 748 -0.25 -2.37 -28.02
N ILE A 749 -0.35 -2.63 -26.73
CA ILE A 749 -1.25 -3.64 -26.19
C ILE A 749 -2.73 -3.30 -26.49
N ARG A 750 -3.13 -2.06 -26.26
CA ARG A 750 -4.51 -1.67 -26.55
C ARG A 750 -4.82 -2.05 -28.00
N ARG A 751 -3.96 -1.58 -28.91
CA ARG A 751 -4.12 -1.86 -30.34
C ARG A 751 -4.13 -3.35 -30.66
N MET A 752 -3.22 -4.12 -30.05
CA MET A 752 -3.24 -5.57 -30.24
C MET A 752 -4.59 -6.19 -29.86
N LEU A 753 -5.09 -5.85 -28.67
CA LEU A 753 -6.30 -6.47 -28.12
C LEU A 753 -7.59 -5.97 -28.72
N GLN A 754 -7.61 -4.71 -29.14
CA GLN A 754 -8.87 -4.09 -29.62
C GLN A 754 -8.98 -3.90 -31.13
N GLU A 755 -7.84 -3.74 -31.80
CA GLU A 755 -7.83 -3.33 -33.21
C GLU A 755 -7.11 -4.33 -34.13
N GLY A 756 -6.04 -4.94 -33.65
CA GLY A 756 -5.38 -5.97 -34.43
C GLY A 756 -3.98 -5.65 -34.92
N GLU A 757 -3.42 -6.56 -35.73
CA GLU A 757 -2.01 -6.50 -36.15
C GLU A 757 -1.65 -5.24 -36.93
N GLU A 758 -2.51 -4.85 -37.86
CA GLU A 758 -2.21 -3.71 -38.72
C GLU A 758 -2.13 -2.41 -37.91
N SER A 759 -3.04 -2.25 -36.97
CA SER A 759 -3.07 -1.06 -36.12
C SER A 759 -1.81 -0.96 -35.26
N LEU A 760 -1.40 -2.10 -34.71
CA LEU A 760 -0.15 -2.17 -33.95
C LEU A 760 1.03 -1.71 -34.80
N GLN A 761 1.11 -2.21 -36.03
CA GLN A 761 2.21 -1.90 -36.94
C GLN A 761 2.28 -0.41 -37.27
N GLU A 762 1.11 0.22 -37.42
CA GLU A 762 1.05 1.66 -37.67
C GLU A 762 1.62 2.45 -36.50
N TYR A 763 1.26 2.03 -35.29
CA TYR A 763 1.72 2.74 -34.09
C TYR A 763 3.20 2.56 -33.81
N PHE A 764 3.69 1.32 -33.93
CA PHE A 764 5.11 1.06 -33.73
C PHE A 764 5.95 1.93 -34.64
N LYS A 765 5.61 1.96 -35.93
CA LYS A 765 6.36 2.71 -36.92
C LYS A 765 6.44 4.19 -36.50
N GLU A 766 5.34 4.72 -35.99
CA GLU A 766 5.32 6.12 -35.56
C GLU A 766 6.17 6.37 -34.31
N PHE A 767 5.99 5.53 -33.29
CA PHE A 767 6.76 5.67 -32.05
C PHE A 767 8.27 5.60 -32.31
N GLU A 768 8.68 4.64 -33.15
CA GLU A 768 10.10 4.44 -33.49
C GLU A 768 10.70 5.67 -34.15
N LYS A 769 9.90 6.34 -34.98
CA LYS A 769 10.32 7.52 -35.69
C LYS A 769 10.43 8.74 -34.78
N GLU A 770 9.54 8.86 -33.80
CA GLU A 770 9.40 10.11 -33.04
C GLU A 770 10.05 10.13 -31.66
N PHE A 771 10.39 8.95 -31.12
CA PHE A 771 10.71 8.84 -29.70
C PHE A 771 11.90 9.68 -29.22
N ARG A 772 12.84 9.98 -30.11
CA ARG A 772 14.03 10.78 -29.73
C ARG A 772 13.67 12.21 -29.26
N GLN A 773 12.46 12.64 -29.56
CA GLN A 773 11.97 13.95 -29.11
C GLN A 773 11.47 13.93 -27.68
N LEU A 774 11.25 12.73 -27.13
CA LEU A 774 10.73 12.60 -25.78
C LEU A 774 11.67 13.17 -24.74
N ASN A 775 11.10 13.78 -23.71
CA ASN A 775 11.86 14.36 -22.62
C ASN A 775 12.68 13.28 -21.94
N TYR A 776 13.95 13.60 -21.64
CA TYR A 776 14.89 12.62 -21.09
C TYR A 776 14.41 11.89 -19.84
N ILE A 777 13.70 12.61 -18.96
CA ILE A 777 13.14 12.02 -17.74
C ILE A 777 12.09 10.96 -18.07
N SER A 778 11.26 11.24 -19.07
CA SER A 778 10.20 10.32 -19.53
C SER A 778 10.73 9.01 -20.14
N ILE A 779 11.98 9.02 -20.61
CA ILE A 779 12.58 7.83 -21.23
C ILE A 779 13.70 7.21 -20.37
N ALA A 780 13.86 7.74 -19.16
CA ALA A 780 14.84 7.20 -18.22
C ALA A 780 14.25 6.00 -17.48
N SER A 781 15.06 4.96 -17.32
CA SER A 781 14.70 3.84 -16.46
C SER A 781 14.78 4.24 -14.99
N VAL A 782 14.23 3.41 -14.11
CA VAL A 782 14.19 3.69 -12.67
C VAL A 782 14.64 2.45 -11.89
N SER A 783 15.44 2.65 -10.85
CA SER A 783 15.79 1.54 -9.96
C SER A 783 16.08 2.04 -8.55
N SER A 784 15.73 1.21 -7.56
CA SER A 784 16.26 1.36 -6.20
C SER A 784 17.75 1.21 -6.25
N ALA A 785 18.44 1.91 -5.35
CA ALA A 785 19.90 1.90 -5.31
C ALA A 785 20.42 1.44 -3.94
N ASN A 786 20.63 0.14 -3.80
CA ASN A 786 21.22 -0.40 -2.58
C ASN A 786 22.70 -0.73 -2.75
N ASN A 787 23.45 -0.68 -1.64
CA ASN A 787 24.86 -1.08 -1.61
C ASN A 787 25.79 -0.30 -2.54
N ILE A 788 25.59 1.01 -2.64
CA ILE A 788 26.44 1.85 -3.49
C ILE A 788 27.92 1.70 -3.08
N ALA A 789 28.17 1.73 -1.77
CA ALA A 789 29.52 1.63 -1.22
C ALA A 789 30.19 0.28 -1.48
N LYS A 790 29.41 -0.80 -1.42
CA LYS A 790 29.92 -2.16 -1.66
C LYS A 790 30.61 -2.32 -3.03
N TYR A 791 30.07 -1.66 -4.04
CA TYR A 791 30.56 -1.80 -5.41
C TYR A 791 31.46 -0.66 -5.86
N ASP A 792 31.72 0.28 -4.94
CA ASP A 792 32.57 1.44 -5.21
C ASP A 792 34.02 1.16 -4.84
N VAL A 793 34.86 0.99 -5.86
CA VAL A 793 36.30 0.79 -5.67
C VAL A 793 37.04 2.01 -6.23
N GLY A 794 37.41 2.93 -5.35
CA GLY A 794 38.04 4.20 -5.75
C GLY A 794 37.25 4.97 -6.80
N GLY A 795 35.93 5.01 -6.63
CA GLY A 795 35.06 5.75 -7.55
C GLY A 795 34.70 5.02 -8.82
N PHE A 796 35.22 3.80 -8.98
CA PHE A 796 34.96 2.97 -10.16
C PHE A 796 34.27 1.65 -9.78
N PRO A 797 33.53 1.04 -10.74
CA PRO A 797 32.75 -0.18 -10.46
C PRO A 797 33.61 -1.38 -10.09
N GLY A 798 33.31 -1.99 -8.95
CA GLY A 798 33.96 -3.23 -8.54
C GLY A 798 33.35 -4.42 -9.27
N PRO A 799 33.85 -5.64 -8.99
CA PRO A 799 33.33 -6.83 -9.63
C PRO A 799 31.83 -7.02 -9.42
N LYS A 800 31.13 -7.43 -10.48
CA LYS A 800 29.69 -7.71 -10.43
C LYS A 800 28.81 -6.47 -10.17
N CYS A 801 29.37 -5.28 -10.39
CA CYS A 801 28.65 -4.04 -10.15
C CYS A 801 27.37 -3.98 -10.98
N PRO A 802 26.22 -3.76 -10.32
CA PRO A 802 24.96 -3.66 -11.06
C PRO A 802 24.96 -2.45 -11.98
N PHE A 803 24.18 -2.53 -13.05
CA PHE A 803 24.12 -1.48 -14.07
C PHE A 803 23.73 -0.15 -13.48
N HIS A 804 22.73 -0.13 -12.60
CA HIS A 804 22.28 1.13 -12.01
C HIS A 804 23.30 1.71 -11.02
N ILE A 805 24.07 0.84 -10.37
CA ILE A 805 25.10 1.29 -9.44
C ILE A 805 26.26 1.90 -10.21
N ARG A 806 26.59 1.31 -11.35
CA ARG A 806 27.58 1.86 -12.27
C ARG A 806 27.19 3.29 -12.69
N GLY A 807 25.90 3.49 -12.97
CA GLY A 807 25.38 4.80 -13.33
C GLY A 807 25.60 5.82 -12.25
N ILE A 808 25.38 5.41 -11.00
CA ILE A 808 25.56 6.28 -9.84
C ILE A 808 27.03 6.67 -9.66
N LEU A 809 27.93 5.69 -9.84
CA LEU A 809 29.36 5.94 -9.74
C LEU A 809 29.81 6.91 -10.84
N THR A 810 29.25 6.76 -12.04
CA THR A 810 29.51 7.71 -13.11
C THR A 810 29.10 9.13 -12.67
N TYR A 811 27.85 9.26 -12.20
CA TYR A 811 27.33 10.51 -11.65
C TYR A 811 28.25 11.09 -10.58
N ASN A 812 28.64 10.25 -9.61
CA ASN A 812 29.52 10.69 -8.52
C ASN A 812 30.83 11.31 -9.00
N ARG A 813 31.50 10.66 -9.97
CA ARG A 813 32.72 11.22 -10.56
C ARG A 813 32.46 12.52 -11.30
N ALA A 814 31.32 12.58 -11.99
CA ALA A 814 30.96 13.77 -12.78
C ALA A 814 30.66 15.01 -11.93
N ILE A 815 30.17 14.80 -10.70
CA ILE A 815 29.84 15.91 -9.80
C ILE A 815 30.88 16.13 -8.69
N LYS A 816 31.99 15.41 -8.77
CA LYS A 816 33.04 15.40 -7.73
C LYS A 816 33.50 16.80 -7.36
N GLY A 817 33.62 17.04 -6.05
CA GLY A 817 34.05 18.33 -5.53
C GLY A 817 32.89 19.15 -5.00
N ASN A 818 31.78 19.14 -5.74
CA ASN A 818 30.58 19.88 -5.39
C ASN A 818 29.92 19.38 -4.10
N ILE A 819 29.72 20.29 -3.16
CA ILE A 819 28.91 20.00 -1.98
C ILE A 819 27.45 20.43 -2.19
N ASP A 820 27.20 21.14 -3.29
CA ASP A 820 25.88 21.68 -3.60
C ASP A 820 25.04 20.80 -4.54
N ALA A 821 25.71 20.04 -5.40
CA ALA A 821 25.03 19.10 -6.30
C ALA A 821 24.33 18.01 -5.48
N PRO A 822 23.10 17.64 -5.89
CA PRO A 822 22.34 16.59 -5.19
C PRO A 822 23.12 15.29 -5.09
N GLN A 823 23.18 14.73 -3.90
CA GLN A 823 23.82 13.43 -3.70
C GLN A 823 22.77 12.33 -3.91
N VAL A 824 23.22 11.20 -4.44
CA VAL A 824 22.41 9.99 -4.48
C VAL A 824 22.34 9.40 -3.06
N VAL A 825 21.12 9.21 -2.56
CA VAL A 825 20.91 8.67 -1.21
C VAL A 825 20.83 7.14 -1.25
N GLU A 826 21.68 6.48 -0.47
CA GLU A 826 21.64 5.03 -0.33
C GLU A 826 20.23 4.52 -0.04
N GLY A 827 19.77 3.57 -0.84
CA GLY A 827 18.47 2.94 -0.61
C GLY A 827 17.29 3.63 -1.30
N GLU A 828 17.52 4.82 -1.84
CA GLU A 828 16.46 5.56 -2.54
C GLU A 828 16.55 5.30 -4.05
N LYS A 829 15.64 5.88 -4.83
CA LYS A 829 15.57 5.54 -6.24
C LYS A 829 16.32 6.51 -7.15
N VAL A 830 16.80 6.00 -8.26
CA VAL A 830 17.47 6.80 -9.29
C VAL A 830 16.87 6.60 -10.67
N TYR A 831 16.93 7.66 -11.47
CA TYR A 831 16.76 7.56 -12.92
C TYR A 831 18.07 7.08 -13.52
N VAL A 832 17.98 6.30 -14.59
CA VAL A 832 19.15 5.72 -15.26
C VAL A 832 19.04 5.90 -16.78
N LEU A 833 20.10 6.41 -17.40
CA LEU A 833 20.19 6.52 -18.85
C LEU A 833 21.48 5.90 -19.40
N PRO A 834 21.38 5.20 -20.55
CA PRO A 834 22.58 4.72 -21.22
C PRO A 834 23.29 5.86 -21.95
N LEU A 835 24.60 5.72 -22.08
CA LEU A 835 25.46 6.73 -22.70
C LEU A 835 26.17 6.16 -23.91
N ARG A 836 26.21 6.90 -25.01
CA ARG A 836 26.92 6.47 -26.21
C ARG A 836 28.42 6.30 -25.99
N GLU A 837 29.04 5.39 -26.74
CA GLU A 837 30.49 5.12 -26.65
C GLU A 837 31.30 6.39 -26.94
N GLY A 838 32.32 6.62 -26.13
CA GLY A 838 33.20 7.78 -26.29
C GLY A 838 32.67 9.06 -25.69
N ASN A 839 31.72 8.94 -24.77
CA ASN A 839 31.19 10.08 -24.01
C ASN A 839 32.19 10.58 -22.96
N PRO A 840 32.06 11.84 -22.52
CA PRO A 840 33.01 12.41 -21.55
C PRO A 840 32.85 11.92 -20.11
N PHE A 841 31.80 11.16 -19.82
CA PHE A 841 31.59 10.62 -18.47
C PHE A 841 32.40 9.34 -18.24
N GLY A 842 32.94 8.79 -19.32
CA GLY A 842 33.85 7.65 -19.25
C GLY A 842 33.23 6.31 -18.90
N ASP A 843 31.91 6.21 -18.99
CA ASP A 843 31.21 4.93 -18.80
C ASP A 843 29.89 4.84 -19.58
N LYS A 844 29.26 3.67 -19.55
CA LYS A 844 28.16 3.33 -20.44
C LYS A 844 26.77 3.78 -19.96
N CYS A 845 26.70 4.32 -18.74
CA CYS A 845 25.45 4.85 -18.20
C CYS A 845 25.68 5.87 -17.12
N ILE A 846 24.63 6.61 -16.80
CA ILE A 846 24.64 7.57 -15.70
C ILE A 846 23.30 7.50 -14.95
N ALA A 847 23.35 7.70 -13.64
CA ALA A 847 22.15 7.68 -12.82
C ALA A 847 22.13 8.88 -11.88
N TRP A 848 20.94 9.42 -11.62
CA TRP A 848 20.80 10.56 -10.70
C TRP A 848 19.51 10.42 -9.87
N PRO A 849 19.34 11.22 -8.80
CA PRO A 849 18.15 10.99 -7.95
C PRO A 849 16.83 11.09 -8.71
N SER A 850 15.95 10.12 -8.50
CA SER A 850 14.64 10.09 -9.17
C SER A 850 13.75 11.24 -8.70
N GLY A 851 12.76 11.59 -9.51
CA GLY A 851 11.87 12.71 -9.23
C GLY A 851 12.52 14.07 -9.37
N THR A 852 13.74 14.09 -9.93
CA THR A 852 14.46 15.36 -10.11
C THR A 852 15.04 15.50 -11.52
N GLU A 853 15.25 16.77 -11.90
CA GLU A 853 16.07 17.14 -13.05
C GLU A 853 17.52 16.91 -12.65
N ILE A 854 18.32 16.37 -13.57
CA ILE A 854 19.75 16.20 -13.31
C ILE A 854 20.40 17.60 -13.26
N THR A 855 21.34 17.78 -12.35
CA THR A 855 22.00 19.08 -12.13
C THR A 855 22.54 19.73 -13.42
N ASP A 856 22.37 21.06 -13.52
CA ASP A 856 22.63 21.80 -14.76
C ASP A 856 24.03 21.66 -15.35
N LEU A 857 25.03 21.52 -14.49
CA LEU A 857 26.42 21.36 -14.90
C LEU A 857 26.64 20.19 -15.88
N ILE A 858 25.85 19.12 -15.72
CA ILE A 858 25.99 17.94 -16.58
C ILE A 858 24.77 17.63 -17.46
N LYS A 859 23.65 18.31 -17.20
CA LYS A 859 22.42 18.07 -17.97
C LYS A 859 22.68 18.13 -19.47
N ASP A 860 23.28 19.23 -19.93
CA ASP A 860 23.54 19.41 -21.35
C ASP A 860 24.35 18.26 -21.96
N ASP A 861 25.36 17.79 -21.22
CA ASP A 861 26.19 16.67 -21.67
C ASP A 861 25.46 15.33 -21.68
N VAL A 862 24.65 15.07 -20.66
CA VAL A 862 23.84 13.85 -20.62
C VAL A 862 22.91 13.83 -21.82
N LEU A 863 22.24 14.95 -22.07
CA LEU A 863 21.33 15.08 -23.22
C LEU A 863 22.04 14.84 -24.55
N HIS A 864 23.28 15.32 -24.67
CA HIS A 864 24.06 15.17 -25.90
C HIS A 864 24.53 13.73 -26.12
N TRP A 865 24.77 13.01 -25.02
CA TRP A 865 25.37 11.67 -25.09
C TRP A 865 24.43 10.50 -24.77
N MET A 866 23.18 10.80 -24.40
CA MET A 866 22.12 9.81 -24.21
C MET A 866 22.07 8.84 -25.38
N ASP A 867 22.10 7.55 -25.08
CA ASP A 867 22.02 6.55 -26.13
C ASP A 867 20.57 6.13 -26.39
N TYR A 868 19.92 6.85 -27.31
CA TYR A 868 18.52 6.58 -27.67
C TYR A 868 18.33 5.19 -28.30
N THR A 869 19.32 4.73 -29.06
CA THR A 869 19.22 3.42 -29.72
C THR A 869 19.15 2.29 -28.70
N VAL A 870 20.04 2.34 -27.71
CA VAL A 870 20.08 1.33 -26.63
C VAL A 870 18.81 1.40 -25.78
N LEU A 871 18.42 2.64 -25.45
CA LEU A 871 17.21 2.93 -24.68
C LEU A 871 15.97 2.30 -25.34
N LEU A 872 15.80 2.55 -26.64
CA LEU A 872 14.68 2.01 -27.40
C LEU A 872 14.68 0.48 -27.42
N GLU A 873 15.84 -0.11 -27.70
CA GLU A 873 15.97 -1.56 -27.77
C GLU A 873 15.66 -2.24 -26.45
N LYS A 874 16.24 -1.75 -25.36
CA LYS A 874 16.10 -2.38 -24.06
C LYS A 874 14.74 -2.21 -23.43
N THR A 875 14.17 -1.00 -23.50
CA THR A 875 12.93 -0.72 -22.75
C THR A 875 11.66 -0.92 -23.57
N PHE A 876 11.76 -0.81 -24.89
CA PHE A 876 10.58 -0.86 -25.75
C PHE A 876 10.54 -2.05 -26.70
N ILE A 877 11.57 -2.20 -27.54
CA ILE A 877 11.57 -3.24 -28.56
C ILE A 877 11.63 -4.65 -27.97
N LYS A 878 12.56 -4.87 -27.04
CA LYS A 878 12.67 -6.17 -26.40
C LYS A 878 11.34 -6.63 -25.74
N PRO A 879 10.74 -5.80 -24.86
CA PRO A 879 9.45 -6.26 -24.33
C PRO A 879 8.35 -6.40 -25.38
N LEU A 880 8.28 -5.48 -26.35
CA LEU A 880 7.30 -5.60 -27.41
C LEU A 880 7.45 -6.90 -28.23
N GLU A 881 8.69 -7.26 -28.55
CA GLU A 881 8.98 -8.52 -29.25
C GLU A 881 8.45 -9.72 -28.45
N GLY A 882 8.58 -9.65 -27.13
CA GLY A 882 7.99 -10.65 -26.24
C GLY A 882 6.46 -10.68 -26.35
N PHE A 883 5.81 -9.52 -26.29
CA PHE A 883 4.34 -9.48 -26.39
C PHE A 883 3.87 -10.07 -27.71
N THR A 884 4.49 -9.64 -28.79
CA THR A 884 4.04 -10.00 -30.14
C THR A 884 4.35 -11.44 -30.53
N SER A 885 5.52 -11.96 -30.12
CA SER A 885 5.81 -13.35 -30.42
C SER A 885 4.84 -14.27 -29.64
N ALA A 886 4.54 -13.93 -28.39
CA ALA A 886 3.60 -14.73 -27.60
C ALA A 886 2.23 -14.71 -28.27
N ALA A 887 1.81 -13.53 -28.75
CA ALA A 887 0.53 -13.36 -29.42
C ALA A 887 0.51 -13.84 -30.88
N LYS A 888 1.68 -14.27 -31.38
CA LYS A 888 1.83 -14.74 -32.77
C LYS A 888 1.42 -13.65 -33.78
N LEU A 889 2.07 -12.51 -33.64
CA LEU A 889 1.71 -11.28 -34.31
C LEU A 889 3.03 -10.60 -34.68
N ASP A 890 3.05 -9.83 -35.76
CA ASP A 890 4.26 -9.08 -36.14
C ASP A 890 4.09 -7.58 -35.90
N TYR A 891 5.08 -6.95 -35.27
CA TYR A 891 5.02 -5.51 -35.05
C TYR A 891 5.56 -4.70 -36.23
N GLU A 892 6.17 -5.38 -37.20
CA GLU A 892 6.57 -4.76 -38.47
C GLU A 892 6.01 -5.56 -39.64
N LYS A 893 5.47 -4.87 -40.65
CA LYS A 893 4.90 -5.57 -41.80
C LYS A 893 5.93 -6.45 -42.52
N LYS A 894 5.61 -7.73 -42.66
CA LYS A 894 6.43 -8.67 -43.41
C LYS A 894 6.18 -8.49 -44.91
N ALA A 895 7.21 -8.75 -45.73
CA ALA A 895 7.08 -8.65 -47.18
C ALA A 895 6.05 -9.65 -47.72
N SER A 896 5.40 -9.30 -48.82
CA SER A 896 4.44 -10.19 -49.45
C SER A 896 4.52 -10.09 -50.97
N LEU A 897 3.76 -10.95 -51.66
CA LEU A 897 3.70 -10.95 -53.12
C LEU A 897 3.14 -9.64 -53.69
N PHE A 898 2.27 -8.99 -52.93
CA PHE A 898 1.65 -7.73 -53.37
C PHE A 898 2.63 -6.57 -53.57
N ASP A 899 3.73 -6.60 -52.83
CA ASP A 899 4.81 -5.61 -52.96
C ASP A 899 5.28 -5.41 -54.41
N MET A 900 5.08 -6.42 -55.24
CA MET A 900 5.48 -6.38 -56.65
C MET A 900 4.54 -5.55 -57.52
N PHE A 901 3.58 -4.88 -56.89
CA PHE A 901 2.61 -4.04 -57.58
C PHE A 901 2.67 -2.59 -57.11
PG ATP D . -9.98 -10.91 -3.01
O1G ATP D . -9.65 -11.74 -4.20
O2G ATP D . -11.27 -11.29 -2.37
O3G ATP D . -9.78 -9.42 -3.19
PB ATP D . -7.81 -12.40 -1.77
O1B ATP D . -7.33 -12.42 -0.34
O2B ATP D . -8.30 -13.67 -2.41
O3B ATP D . -8.92 -11.24 -1.82
PA ATP D . -5.78 -12.23 -3.88
O1A ATP D . -4.99 -11.04 -4.36
O2A ATP D . -6.73 -12.90 -4.84
O3A ATP D . -6.58 -11.73 -2.58
O5' ATP D . -4.70 -13.28 -3.28
C5' ATP D . -5.00 -14.65 -3.05
C4' ATP D . -4.26 -15.07 -1.78
O4' ATP D . -2.86 -14.78 -1.95
C3' ATP D . -4.66 -14.25 -0.58
O3' ATP D . -5.90 -14.68 0.03
C2' ATP D . -3.44 -14.42 0.30
C1' ATP D . -2.29 -14.40 -0.71
N9 ATP D . -1.83 -13.00 -0.75
C8 ATP D . -2.14 -12.05 -1.67
N7 ATP D . -1.56 -10.87 -1.34
C5 ATP D . -0.88 -11.07 -0.19
C6 ATP D . -0.03 -10.25 0.70
N6 ATP D . 0.20 -8.95 0.41
N1 ATP D . 0.51 -10.85 1.78
C2 ATP D . 0.28 -12.15 2.08
N3 ATP D . -0.46 -12.95 1.31
C4 ATP D . -1.06 -12.47 0.18
CA CA E . -8.84 -13.93 -4.59
CA CA F . -6.64 -13.90 -7.32
CA CA G . -28.45 14.23 -21.02
CA CA H . -14.33 -11.59 -6.37
CA CA I . 10.90 22.31 1.78
#